data_3DTF
#
_entry.id   3DTF
#
_cell.length_a   59.900
_cell.length_b   88.050
_cell.length_c   73.170
_cell.angle_alpha   90.00
_cell.angle_beta   105.60
_cell.angle_gamma   90.00
#
_symmetry.space_group_name_H-M   'P 1 21 1'
#
loop_
_entity.id
_entity.type
_entity.pdbx_description
1 polymer 'Branched-chain amino acid aminotransferase'
2 non-polymer 'SULFATE ION'
3 non-polymer GLYCEROL
4 water water
#
_entity_poly.entity_id   1
_entity_poly.type   'polypeptide(L)'
_entity_poly.pdbx_seq_one_letter_code
;AHHHHNSGPLEFTVSANTNPATDAVRESILANPGFGKYYTDHMVSIDYTVDEGWHNAQVIPYGPIQLDPSAIVLHYGQEI
FEGLKAYRWADGSIVSFRPEANAARLQSSARRLAIPELPEEVFIESLRQLIAVDEKWVPPAGGEESLYLRPFVIATEPGL
GVRPSNEYRYLLIASPAGAYFKGGIKPVSVWLSHEYVRASPGGTGAAKFGGNYAASLLAQAQAAEMGCDQVVWLDAIERR
YVEEMGGMNLFFVFGSGGSARLVTPELSGSLLPGITRDSLLQLATDAGFAVEERKIDVDEWQKKAGAGEITEVFACGTAA
VITPVSHVKHHDGEFTIADGQPGEITMALRDTLTGIQRGTFADTHGWMARLN
;
_entity_poly.pdbx_strand_id   A,B
#
loop_
_chem_comp.id
_chem_comp.type
_chem_comp.name
_chem_comp.formula
GOL non-polymer GLYCEROL 'C3 H8 O3'
SO4 non-polymer 'SULFATE ION' 'O4 S -2'
#
# COMPACT_ATOMS: atom_id res chain seq x y z
N LEU A 10 16.72 25.68 6.87
CA LEU A 10 17.14 24.42 6.17
C LEU A 10 17.80 24.71 4.82
N GLU A 11 19.10 24.43 4.73
CA GLU A 11 19.83 24.70 3.50
C GLU A 11 20.23 23.46 2.72
N PHE A 12 20.19 23.58 1.40
CA PHE A 12 20.53 22.50 0.50
C PHE A 12 21.96 22.62 0.00
N THR A 13 22.67 21.50 -0.03
CA THR A 13 24.04 21.46 -0.55
C THR A 13 23.88 20.84 -1.95
N VAL A 14 24.77 21.19 -2.87
CA VAL A 14 24.66 20.66 -4.23
C VAL A 14 25.85 19.81 -4.69
N SER A 15 25.54 18.59 -5.13
CA SER A 15 26.53 17.66 -5.65
C SER A 15 26.16 17.48 -7.13
N ALA A 16 26.90 18.18 -8.00
CA ALA A 16 26.65 18.14 -9.42
C ALA A 16 26.86 16.78 -10.06
N ASN A 17 26.04 16.48 -11.07
CA ASN A 17 26.14 15.22 -11.79
C ASN A 17 27.30 15.40 -12.79
N THR A 18 28.33 14.58 -12.64
CA THR A 18 29.50 14.63 -13.49
C THR A 18 29.31 13.89 -14.82
N ASN A 19 28.26 13.08 -14.90
CA ASN A 19 27.98 12.33 -16.12
C ASN A 19 26.52 12.49 -16.55
N PRO A 20 26.06 13.74 -16.74
CA PRO A 20 24.68 13.99 -17.15
C PRO A 20 24.41 13.53 -18.58
N ALA A 21 23.15 13.58 -18.98
CA ALA A 21 22.78 13.21 -20.33
C ALA A 21 23.32 14.27 -21.27
N THR A 22 23.84 13.86 -22.43
CA THR A 22 24.36 14.82 -23.38
C THR A 22 23.22 15.72 -23.82
N ASP A 23 23.57 16.90 -24.30
CA ASP A 23 22.56 17.86 -24.75
C ASP A 23 21.74 17.26 -25.88
N ALA A 24 22.36 16.42 -26.69
CA ALA A 24 21.67 15.77 -27.80
C ALA A 24 20.62 14.82 -27.24
N VAL A 25 21.03 14.01 -26.27
CA VAL A 25 20.11 13.07 -25.64
C VAL A 25 18.95 13.80 -24.97
N ARG A 26 19.27 14.84 -24.19
CA ARG A 26 18.23 15.61 -23.50
C ARG A 26 17.22 16.15 -24.51
N GLU A 27 17.73 16.84 -25.54
CA GLU A 27 16.88 17.41 -26.59
C GLU A 27 16.01 16.32 -27.20
N SER A 28 16.61 15.16 -27.45
CA SER A 28 15.88 14.04 -28.02
C SER A 28 14.71 13.67 -27.10
N ILE A 29 15.00 13.55 -25.80
CA ILE A 29 13.97 13.22 -24.82
C ILE A 29 12.83 14.25 -24.88
N LEU A 30 13.19 15.53 -24.78
CA LEU A 30 12.21 16.60 -24.79
C LEU A 30 11.33 16.66 -26.03
N ALA A 31 11.83 16.15 -27.16
CA ALA A 31 11.04 16.16 -28.38
C ALA A 31 10.10 14.96 -28.41
N ASN A 32 10.34 13.97 -27.56
CA ASN A 32 9.51 12.78 -27.50
C ASN A 32 9.66 12.15 -26.11
N PRO A 33 9.17 12.84 -25.08
CA PRO A 33 9.26 12.37 -23.70
C PRO A 33 8.34 11.27 -23.20
N GLY A 34 7.15 11.12 -23.78
CA GLY A 34 6.22 10.13 -23.27
C GLY A 34 5.87 10.66 -21.88
N PHE A 35 5.58 9.77 -20.93
CA PHE A 35 5.27 10.23 -19.58
C PHE A 35 5.93 9.34 -18.53
N GLY A 36 6.61 9.97 -17.58
CA GLY A 36 7.29 9.24 -16.51
C GLY A 36 8.25 8.19 -17.01
N LYS A 37 8.86 8.43 -18.17
CA LYS A 37 9.79 7.49 -18.76
C LYS A 37 11.25 7.92 -18.56
N TYR A 38 11.53 9.20 -18.76
CA TYR A 38 12.90 9.69 -18.59
C TYR A 38 13.00 10.61 -17.39
N TYR A 39 14.18 10.71 -16.80
CA TYR A 39 14.35 11.58 -15.64
C TYR A 39 15.52 12.54 -15.85
N THR A 40 15.42 13.71 -15.22
CA THR A 40 16.46 14.73 -15.33
C THR A 40 17.76 14.25 -14.69
N ASP A 41 18.82 15.06 -14.78
CA ASP A 41 20.13 14.68 -14.26
C ASP A 41 20.28 14.66 -12.74
N HIS A 42 19.51 15.47 -12.03
CA HIS A 42 19.62 15.52 -10.58
C HIS A 42 18.32 15.18 -9.85
N MET A 43 18.40 15.09 -8.53
CA MET A 43 17.24 14.83 -7.68
C MET A 43 17.51 15.44 -6.32
N VAL A 44 16.45 15.67 -5.56
CA VAL A 44 16.58 16.26 -4.24
C VAL A 44 16.35 15.20 -3.19
N SER A 45 17.11 15.28 -2.09
CA SER A 45 17.00 14.31 -1.01
C SER A 45 17.03 15.00 0.36
N ILE A 46 16.09 14.62 1.21
CA ILE A 46 16.00 15.18 2.56
C ILE A 46 15.76 14.00 3.48
N ASP A 47 16.58 13.88 4.51
CA ASP A 47 16.45 12.78 5.46
C ASP A 47 15.68 13.19 6.70
N TYR A 48 15.03 12.24 7.35
CA TYR A 48 14.30 12.53 8.56
C TYR A 48 14.55 11.50 9.62
N THR A 49 14.80 11.97 10.83
CA THR A 49 15.02 11.12 12.00
C THR A 49 14.27 11.86 13.09
N VAL A 50 13.86 11.15 14.13
CA VAL A 50 13.14 11.75 15.24
C VAL A 50 13.96 12.81 15.97
N ASP A 51 15.26 12.57 16.09
CA ASP A 51 16.11 13.51 16.82
C ASP A 51 16.58 14.74 16.05
N GLU A 52 16.67 14.65 14.73
CA GLU A 52 17.10 15.79 13.93
C GLU A 52 16.01 16.31 13.02
N GLY A 53 14.87 15.61 12.99
CA GLY A 53 13.79 16.04 12.12
C GLY A 53 14.31 16.01 10.69
N TRP A 54 13.79 16.90 9.85
CA TRP A 54 14.21 16.96 8.47
C TRP A 54 15.58 17.62 8.37
N HIS A 55 16.53 16.91 7.78
CA HIS A 55 17.89 17.44 7.66
C HIS A 55 18.64 16.86 6.49
N ASN A 56 19.89 17.27 6.37
CA ASN A 56 20.76 16.82 5.30
C ASN A 56 20.08 16.99 3.94
N ALA A 57 19.53 18.17 3.71
CA ALA A 57 18.86 18.48 2.45
C ALA A 57 19.89 18.66 1.36
N GLN A 58 19.69 18.02 0.22
CA GLN A 58 20.66 18.15 -0.84
C GLN A 58 20.16 17.88 -2.25
N VAL A 59 20.92 18.39 -3.22
CA VAL A 59 20.63 18.18 -4.63
C VAL A 59 21.77 17.28 -5.06
N ILE A 60 21.44 16.06 -5.48
CA ILE A 60 22.46 15.11 -5.91
C ILE A 60 22.16 14.54 -7.29
N PRO A 61 23.12 13.82 -7.89
CA PRO A 61 22.88 13.24 -9.21
C PRO A 61 21.73 12.24 -9.15
N TYR A 62 20.97 12.12 -10.23
CA TYR A 62 19.88 11.15 -10.25
C TYR A 62 20.58 9.79 -10.27
N GLY A 63 20.19 8.90 -9.35
CA GLY A 63 20.82 7.60 -9.32
C GLY A 63 20.18 6.63 -8.35
N PRO A 64 20.60 5.35 -8.39
CA PRO A 64 20.06 4.32 -7.50
C PRO A 64 20.06 4.76 -6.04
N ILE A 65 19.06 4.29 -5.31
CA ILE A 65 18.87 4.58 -3.89
C ILE A 65 19.13 3.28 -3.13
N GLN A 66 19.67 3.39 -1.93
CA GLN A 66 19.95 2.20 -1.11
C GLN A 66 18.99 2.07 0.07
N LEU A 67 18.53 0.86 0.30
CA LEU A 67 17.62 0.59 1.41
C LEU A 67 18.03 -0.73 2.06
N ASP A 68 17.88 -0.80 3.38
CA ASP A 68 18.17 -2.02 4.10
C ASP A 68 17.09 -3.00 3.64
N PRO A 69 17.42 -4.29 3.54
CA PRO A 69 16.42 -5.26 3.09
C PRO A 69 15.15 -5.24 3.94
N SER A 70 15.28 -4.82 5.20
CA SER A 70 14.13 -4.80 6.10
C SER A 70 13.46 -3.42 6.22
N ALA A 71 13.78 -2.50 5.31
CA ALA A 71 13.18 -1.16 5.35
C ALA A 71 11.66 -1.25 5.32
N ILE A 72 11.01 -0.49 6.21
CA ILE A 72 9.56 -0.47 6.33
C ILE A 72 8.80 -0.34 5.01
N VAL A 73 9.22 0.60 4.15
CA VAL A 73 8.53 0.81 2.88
C VAL A 73 8.49 -0.47 2.02
N LEU A 74 9.44 -1.37 2.24
CA LEU A 74 9.53 -2.60 1.47
C LEU A 74 8.67 -3.73 2.02
N HIS A 75 8.05 -3.51 3.16
CA HIS A 75 7.22 -4.54 3.79
C HIS A 75 5.84 -4.06 4.16
N TYR A 76 5.74 -2.87 4.75
CA TYR A 76 4.46 -2.35 5.19
C TYR A 76 3.94 -1.12 4.43
N GLY A 77 4.45 -0.94 3.22
CA GLY A 77 4.04 0.15 2.34
C GLY A 77 3.77 1.55 2.86
N GLN A 78 4.55 2.00 3.84
CA GLN A 78 4.36 3.34 4.37
C GLN A 78 5.08 4.32 3.46
N GLU A 79 4.31 4.89 2.53
CA GLU A 79 4.84 5.81 1.53
C GLU A 79 3.73 6.70 1.00
N ILE A 80 4.08 7.89 0.50
CA ILE A 80 3.13 8.83 -0.08
C ILE A 80 3.82 9.59 -1.21
N PHE A 81 3.04 10.24 -2.07
CA PHE A 81 3.62 10.99 -3.18
C PHE A 81 2.73 12.14 -3.62
N GLU A 82 3.28 12.99 -4.48
CA GLU A 82 2.55 14.09 -5.05
C GLU A 82 2.89 14.17 -6.52
N GLY A 83 2.20 15.06 -7.22
CA GLY A 83 2.44 15.24 -8.63
C GLY A 83 2.01 16.62 -9.08
N LEU A 84 2.95 17.36 -9.68
CA LEU A 84 2.68 18.69 -10.22
C LEU A 84 3.62 18.92 -11.40
N LYS A 85 3.58 20.13 -11.96
CA LYS A 85 4.39 20.46 -13.12
C LYS A 85 5.14 21.79 -13.07
N ALA A 86 6.13 21.91 -13.92
CA ALA A 86 6.91 23.12 -14.06
C ALA A 86 6.79 23.48 -15.54
N TYR A 87 6.48 24.74 -15.83
CA TYR A 87 6.31 25.21 -17.21
C TYR A 87 7.28 26.35 -17.53
N ARG A 88 7.73 26.40 -18.77
CA ARG A 88 8.62 27.46 -19.22
C ARG A 88 7.75 28.50 -19.94
N TRP A 89 7.92 29.77 -19.56
CA TRP A 89 7.15 30.85 -20.16
C TRP A 89 7.96 31.64 -21.20
N ALA A 90 7.24 32.34 -22.08
CA ALA A 90 7.84 33.13 -23.14
C ALA A 90 8.87 34.14 -22.65
N ASP A 91 8.73 34.58 -21.40
CA ASP A 91 9.65 35.56 -20.83
C ASP A 91 10.86 34.86 -20.21
N GLY A 92 11.00 33.57 -20.47
CA GLY A 92 12.14 32.83 -19.93
C GLY A 92 12.00 32.26 -18.53
N SER A 93 11.04 32.75 -17.75
CA SER A 93 10.85 32.27 -16.40
C SER A 93 10.27 30.85 -16.36
N ILE A 94 10.48 30.15 -15.24
CA ILE A 94 9.95 28.81 -15.06
C ILE A 94 8.96 28.93 -13.91
N VAL A 95 7.74 28.45 -14.12
CA VAL A 95 6.69 28.52 -13.11
C VAL A 95 6.01 27.17 -12.86
N SER A 96 5.18 27.14 -11.81
CA SER A 96 4.44 25.94 -11.47
C SER A 96 2.98 26.31 -11.17
N PHE A 97 2.09 25.34 -11.32
CA PHE A 97 0.67 25.55 -11.08
C PHE A 97 0.27 25.14 -9.65
N ARG A 98 -0.12 26.14 -8.86
CA ARG A 98 -0.54 25.96 -7.46
C ARG A 98 0.33 24.99 -6.64
N PRO A 99 1.65 25.24 -6.59
CA PRO A 99 2.60 24.41 -5.84
C PRO A 99 2.17 24.25 -4.39
N GLU A 100 1.67 25.34 -3.81
CA GLU A 100 1.23 25.36 -2.41
C GLU A 100 0.15 24.31 -2.14
N ALA A 101 -0.71 24.07 -3.14
CA ALA A 101 -1.77 23.09 -2.97
C ALA A 101 -1.17 21.69 -2.82
N ASN A 102 -0.12 21.40 -3.57
CA ASN A 102 0.50 20.08 -3.47
C ASN A 102 1.25 19.93 -2.14
N ALA A 103 1.79 21.04 -1.68
CA ALA A 103 2.54 21.08 -0.43
C ALA A 103 1.58 20.78 0.72
N ALA A 104 0.40 21.37 0.68
CA ALA A 104 -0.61 21.15 1.72
C ALA A 104 -1.17 19.73 1.65
N ARG A 105 -1.37 19.21 0.45
CA ARG A 105 -1.91 17.86 0.33
C ARG A 105 -0.90 16.77 0.73
N LEU A 106 0.38 17.01 0.49
CA LEU A 106 1.39 16.04 0.87
C LEU A 106 1.32 15.92 2.39
N GLN A 107 1.03 17.03 3.06
CA GLN A 107 0.92 17.02 4.51
C GLN A 107 -0.28 16.22 4.98
N SER A 108 -1.43 16.40 4.33
CA SER A 108 -2.63 15.65 4.72
C SER A 108 -2.42 14.16 4.46
N SER A 109 -1.74 13.83 3.36
CA SER A 109 -1.45 12.43 3.04
C SER A 109 -0.51 11.88 4.12
N ALA A 110 0.48 12.67 4.50
CA ALA A 110 1.45 12.25 5.52
C ALA A 110 0.74 11.97 6.84
N ARG A 111 -0.16 12.85 7.24
CA ARG A 111 -0.89 12.64 8.49
C ARG A 111 -1.68 11.32 8.46
N ARG A 112 -2.43 11.08 7.39
CA ARG A 112 -3.22 9.86 7.26
C ARG A 112 -2.35 8.57 7.31
N LEU A 113 -1.11 8.66 6.85
CA LEU A 113 -0.23 7.51 6.85
C LEU A 113 0.83 7.51 7.97
N ALA A 114 0.61 8.34 8.99
CA ALA A 114 1.52 8.41 10.14
C ALA A 114 2.94 8.77 9.75
N ILE A 115 3.05 9.69 8.79
CA ILE A 115 4.34 10.16 8.32
C ILE A 115 4.52 11.59 8.78
N PRO A 116 5.72 11.95 9.25
CA PRO A 116 5.92 13.33 9.69
C PRO A 116 5.72 14.31 8.53
N GLU A 117 5.01 15.40 8.79
CA GLU A 117 4.74 16.40 7.75
C GLU A 117 6.03 17.11 7.34
N LEU A 118 6.11 17.49 6.07
CA LEU A 118 7.26 18.22 5.56
C LEU A 118 6.79 19.66 5.44
N PRO A 119 7.52 20.59 6.09
CA PRO A 119 7.12 22.01 6.03
C PRO A 119 6.90 22.47 4.60
N GLU A 120 5.84 23.23 4.38
CA GLU A 120 5.53 23.71 3.04
C GLU A 120 6.67 24.53 2.43
N GLU A 121 7.35 25.34 3.23
CA GLU A 121 8.43 26.12 2.65
C GLU A 121 9.56 25.22 2.19
N VAL A 122 9.74 24.09 2.86
CA VAL A 122 10.78 23.15 2.45
C VAL A 122 10.35 22.52 1.13
N PHE A 123 9.06 22.21 1.03
CA PHE A 123 8.51 21.60 -0.18
C PHE A 123 8.77 22.51 -1.37
N ILE A 124 8.35 23.77 -1.27
CA ILE A 124 8.54 24.74 -2.35
C ILE A 124 10.03 24.90 -2.65
N GLU A 125 10.84 25.02 -1.61
CA GLU A 125 12.28 25.18 -1.79
C GLU A 125 12.88 24.04 -2.61
N SER A 126 12.52 22.81 -2.28
CA SER A 126 13.05 21.66 -3.00
C SER A 126 12.77 21.81 -4.49
N LEU A 127 11.62 22.37 -4.83
CA LEU A 127 11.24 22.58 -6.23
C LEU A 127 12.18 23.59 -6.89
N ARG A 128 12.45 24.68 -6.18
CA ARG A 128 13.33 25.72 -6.71
C ARG A 128 14.76 25.18 -6.90
N GLN A 129 15.21 24.39 -5.93
CA GLN A 129 16.56 23.82 -5.97
C GLN A 129 16.76 22.90 -7.15
N LEU A 130 15.79 22.03 -7.42
CA LEU A 130 15.90 21.12 -8.55
C LEU A 130 15.83 21.87 -9.88
N ILE A 131 14.92 22.85 -9.97
CA ILE A 131 14.81 23.63 -11.20
C ILE A 131 16.10 24.43 -11.43
N ALA A 132 16.73 24.88 -10.35
CA ALA A 132 17.96 25.65 -10.47
C ALA A 132 19.05 24.86 -11.21
N VAL A 133 19.16 23.56 -10.92
CA VAL A 133 20.17 22.74 -11.57
C VAL A 133 19.72 22.03 -12.85
N ASP A 134 18.43 21.70 -12.96
CA ASP A 134 17.93 21.01 -14.14
C ASP A 134 16.94 21.82 -14.98
N GLU A 135 17.04 23.15 -14.93
CA GLU A 135 16.11 23.97 -15.69
C GLU A 135 16.13 23.64 -17.18
N LYS A 136 17.29 23.26 -17.70
CA LYS A 136 17.39 22.92 -19.11
C LYS A 136 16.49 21.74 -19.51
N TRP A 137 15.84 21.11 -18.53
CA TRP A 137 14.95 19.99 -18.81
C TRP A 137 13.49 20.44 -18.98
N VAL A 138 13.22 21.71 -18.67
CA VAL A 138 11.87 22.24 -18.82
C VAL A 138 11.67 22.51 -20.32
N PRO A 139 10.65 21.90 -20.92
CA PRO A 139 10.34 22.07 -22.36
C PRO A 139 10.19 23.54 -22.76
N PRO A 140 10.34 23.84 -24.06
CA PRO A 140 10.21 25.23 -24.53
C PRO A 140 8.83 25.81 -24.21
N ALA A 141 8.74 27.13 -24.18
CA ALA A 141 7.48 27.82 -23.88
C ALA A 141 6.44 27.64 -24.97
N GLY A 142 5.19 27.93 -24.63
CA GLY A 142 4.10 27.83 -25.60
C GLY A 142 3.66 26.44 -26.01
N GLY A 143 4.58 25.48 -25.99
CA GLY A 143 4.24 24.13 -26.38
C GLY A 143 3.27 23.45 -25.42
N GLU A 144 3.02 22.17 -25.64
CA GLU A 144 2.12 21.41 -24.78
C GLU A 144 2.90 20.58 -23.76
N GLU A 145 4.21 20.47 -23.96
CA GLU A 145 5.07 19.69 -23.06
C GLU A 145 5.28 20.41 -21.73
N SER A 146 5.72 19.66 -20.73
CA SER A 146 5.95 20.21 -19.41
C SER A 146 6.92 19.31 -18.64
N LEU A 147 7.41 19.78 -17.50
CA LEU A 147 8.32 18.96 -16.70
C LEU A 147 7.53 18.50 -15.48
N TYR A 148 7.23 17.21 -15.44
CA TYR A 148 6.47 16.64 -14.33
C TYR A 148 7.36 16.50 -13.11
N LEU A 149 6.87 16.98 -11.97
CA LEU A 149 7.64 16.91 -10.74
C LEU A 149 6.99 15.87 -9.83
N ARG A 150 7.79 14.94 -9.33
CA ARG A 150 7.29 13.88 -8.47
C ARG A 150 7.94 13.88 -7.10
N PRO A 151 7.30 14.56 -6.13
CA PRO A 151 7.88 14.58 -4.78
C PRO A 151 7.27 13.38 -4.04
N PHE A 152 8.09 12.69 -3.25
CA PHE A 152 7.58 11.54 -2.49
C PHE A 152 8.35 11.24 -1.22
N VAL A 153 7.70 10.55 -0.31
CA VAL A 153 8.31 10.19 0.96
C VAL A 153 8.18 8.69 1.23
N ILE A 154 9.28 8.06 1.62
CA ILE A 154 9.29 6.63 1.93
C ILE A 154 9.86 6.33 3.32
N ALA A 155 9.33 5.30 3.97
CA ALA A 155 9.79 4.88 5.29
C ALA A 155 11.05 4.03 5.10
N THR A 156 12.16 4.46 5.68
CA THR A 156 13.43 3.75 5.49
C THR A 156 14.05 3.06 6.71
N GLU A 157 13.37 3.09 7.84
CA GLU A 157 13.91 2.46 9.04
C GLU A 157 13.83 0.94 8.99
N PRO A 158 14.89 0.25 9.46
CA PRO A 158 14.96 -1.21 9.49
C PRO A 158 14.04 -1.72 10.60
N GLY A 159 13.84 -3.04 10.65
CA GLY A 159 12.99 -3.62 11.67
C GLY A 159 11.73 -4.20 11.05
N LEU A 160 11.38 -5.43 11.41
CA LEU A 160 10.20 -6.05 10.84
C LEU A 160 8.94 -5.88 11.68
N GLY A 161 9.03 -5.08 12.73
CA GLY A 161 7.86 -4.85 13.56
C GLY A 161 6.92 -3.89 12.85
N VAL A 162 5.62 -4.10 12.99
CA VAL A 162 4.66 -3.22 12.35
C VAL A 162 4.35 -1.99 13.21
N ARG A 163 4.83 -0.83 12.75
CA ARG A 163 4.60 0.41 13.46
C ARG A 163 5.09 1.56 12.59
N PRO A 164 4.71 2.80 12.91
CA PRO A 164 5.18 3.93 12.10
C PRO A 164 6.70 3.93 12.11
N SER A 165 7.30 4.27 10.98
CA SER A 165 8.74 4.33 10.87
C SER A 165 9.27 5.59 11.58
N ASN A 166 10.51 5.55 12.04
CA ASN A 166 11.12 6.71 12.71
C ASN A 166 12.16 7.37 11.82
N GLU A 167 12.31 6.84 10.60
CA GLU A 167 13.26 7.37 9.64
C GLU A 167 12.55 7.42 8.29
N TYR A 168 12.76 8.51 7.56
CA TYR A 168 12.12 8.68 6.27
C TYR A 168 13.08 9.39 5.34
N ARG A 169 12.78 9.29 4.05
CA ARG A 169 13.57 9.98 3.05
C ARG A 169 12.59 10.65 2.10
N TYR A 170 12.80 11.93 1.88
CA TYR A 170 11.97 12.67 0.95
C TYR A 170 12.79 12.79 -0.31
N LEU A 171 12.18 12.43 -1.44
CA LEU A 171 12.86 12.51 -2.70
C LEU A 171 12.04 13.35 -3.68
N LEU A 172 12.74 14.09 -4.54
CA LEU A 172 12.08 14.89 -5.56
C LEU A 172 12.79 14.59 -6.87
N ILE A 173 12.04 14.04 -7.82
CA ILE A 173 12.57 13.71 -9.13
C ILE A 173 11.70 14.42 -10.18
N ALA A 174 12.24 14.62 -11.37
CA ALA A 174 11.50 15.29 -12.44
C ALA A 174 11.57 14.48 -13.72
N SER A 175 10.49 14.49 -14.48
CA SER A 175 10.41 13.72 -15.71
C SER A 175 9.71 14.50 -16.81
N PRO A 176 10.38 14.68 -17.97
CA PRO A 176 9.76 15.40 -19.08
C PRO A 176 8.41 14.75 -19.35
N ALA A 177 7.41 15.57 -19.63
CA ALA A 177 6.07 15.05 -19.86
C ALA A 177 5.35 15.54 -21.09
N GLY A 178 4.71 14.60 -21.77
CA GLY A 178 3.92 14.92 -22.94
C GLY A 178 2.49 14.54 -22.57
N ALA A 179 1.87 13.65 -23.35
CA ALA A 179 0.51 13.21 -23.07
C ALA A 179 0.54 12.00 -22.12
N TYR A 180 -0.34 12.01 -21.12
CA TYR A 180 -0.40 10.92 -20.16
C TYR A 180 -1.04 9.69 -20.79
N PHE A 181 -2.22 9.87 -21.36
CA PHE A 181 -2.95 8.79 -22.01
C PHE A 181 -2.45 8.63 -23.44
N LYS A 182 -2.37 7.37 -23.89
CA LYS A 182 -1.90 7.06 -25.23
C LYS A 182 -2.79 7.63 -26.33
N GLY A 183 -3.97 8.11 -25.97
CA GLY A 183 -4.87 8.67 -26.94
C GLY A 183 -4.78 10.19 -27.03
N GLY A 184 -3.96 10.78 -26.18
CA GLY A 184 -3.80 12.22 -26.18
C GLY A 184 -5.10 12.88 -25.74
N ILE A 185 -5.71 13.65 -26.65
CA ILE A 185 -6.97 14.32 -26.33
C ILE A 185 -8.16 13.46 -26.73
N LYS A 186 -7.88 12.36 -27.44
CA LYS A 186 -8.93 11.44 -27.87
C LYS A 186 -9.78 11.00 -26.66
N PRO A 187 -11.10 10.85 -26.86
CA PRO A 187 -11.97 10.42 -25.75
C PRO A 187 -11.73 8.97 -25.35
N VAL A 188 -11.96 8.66 -24.07
CA VAL A 188 -11.75 7.29 -23.58
C VAL A 188 -13.07 6.65 -23.23
N SER A 189 -13.12 5.32 -23.28
CA SER A 189 -14.32 4.60 -22.92
C SER A 189 -14.09 4.11 -21.48
N VAL A 190 -15.15 4.00 -20.69
CA VAL A 190 -14.98 3.57 -19.32
C VAL A 190 -15.83 2.38 -18.88
N TRP A 191 -15.27 1.60 -17.97
CA TRP A 191 -15.98 0.45 -17.41
C TRP A 191 -16.19 0.76 -15.93
N LEU A 192 -17.45 0.78 -15.49
CA LEU A 192 -17.74 1.05 -14.09
C LEU A 192 -17.52 -0.26 -13.37
N SER A 193 -16.56 -0.28 -12.44
CA SER A 193 -16.23 -1.52 -11.73
C SER A 193 -17.33 -2.01 -10.82
N HIS A 194 -17.72 -3.25 -11.05
CA HIS A 194 -18.77 -3.91 -10.29
C HIS A 194 -18.15 -4.71 -9.16
N GLU A 195 -16.97 -5.26 -9.41
CA GLU A 195 -16.27 -6.11 -8.46
C GLU A 195 -15.35 -5.41 -7.46
N TYR A 196 -14.74 -4.29 -7.84
CA TYR A 196 -13.81 -3.62 -6.93
C TYR A 196 -14.18 -2.20 -6.54
N VAL A 197 -13.61 -1.75 -5.43
CA VAL A 197 -13.85 -0.39 -4.97
C VAL A 197 -12.52 0.30 -4.76
N ARG A 198 -12.50 1.61 -5.01
CA ARG A 198 -11.29 2.41 -4.88
C ARG A 198 -10.85 2.57 -3.43
N ALA A 199 -11.84 2.74 -2.56
CA ALA A 199 -11.59 2.92 -1.13
C ALA A 199 -12.95 2.97 -0.46
N SER A 200 -12.96 2.87 0.86
CA SER A 200 -14.21 2.92 1.60
C SER A 200 -14.07 3.88 2.79
N PRO A 201 -15.20 4.30 3.38
CA PRO A 201 -15.14 5.22 4.52
C PRO A 201 -14.25 4.64 5.62
N GLY A 202 -13.40 5.49 6.20
CA GLY A 202 -12.50 5.02 7.24
C GLY A 202 -11.24 4.41 6.63
N GLY A 203 -10.97 4.76 5.37
CA GLY A 203 -9.82 4.24 4.66
C GLY A 203 -8.84 5.32 4.27
N THR A 204 -8.08 5.08 3.20
CA THR A 204 -7.07 6.02 2.72
C THR A 204 -7.37 6.66 1.37
N GLY A 205 -8.65 6.70 0.99
CA GLY A 205 -9.02 7.27 -0.31
C GLY A 205 -8.72 8.75 -0.54
N ALA A 206 -8.54 9.50 0.54
CA ALA A 206 -8.27 10.92 0.43
C ALA A 206 -6.77 11.22 0.30
N ALA A 207 -5.95 10.21 0.53
CA ALA A 207 -4.51 10.39 0.46
C ALA A 207 -3.92 9.85 -0.84
N LYS A 208 -2.82 10.46 -1.28
CA LYS A 208 -2.11 10.02 -2.48
C LYS A 208 -1.10 9.08 -1.85
N PHE A 209 -1.51 7.82 -1.76
CA PHE A 209 -0.77 6.75 -1.12
C PHE A 209 -0.63 5.56 -2.06
N GLY A 210 0.59 5.10 -2.26
CA GLY A 210 0.84 3.98 -3.16
C GLY A 210 -0.09 2.79 -3.00
N GLY A 211 -0.43 2.47 -1.75
CA GLY A 211 -1.32 1.35 -1.50
C GLY A 211 -2.61 1.42 -2.28
N ASN A 212 -3.16 2.62 -2.43
CA ASN A 212 -4.40 2.79 -3.17
C ASN A 212 -4.26 2.34 -4.62
N TYR A 213 -3.10 2.57 -5.20
CA TYR A 213 -2.88 2.21 -6.59
C TYR A 213 -2.62 0.73 -6.84
N ALA A 214 -1.82 0.11 -5.97
CA ALA A 214 -1.53 -1.30 -6.12
C ALA A 214 -2.82 -2.11 -6.10
N ALA A 215 -3.75 -1.72 -5.22
CA ALA A 215 -5.02 -2.41 -5.08
C ALA A 215 -5.97 -2.24 -6.28
N SER A 216 -5.71 -1.27 -7.13
CA SER A 216 -6.60 -1.01 -8.28
C SER A 216 -6.17 -1.74 -9.56
N LEU A 217 -4.96 -2.26 -9.59
CA LEU A 217 -4.45 -2.93 -10.78
C LEU A 217 -5.37 -3.97 -11.42
N LEU A 218 -5.94 -4.88 -10.62
CA LEU A 218 -6.81 -5.89 -11.20
C LEU A 218 -8.09 -5.29 -11.78
N ALA A 219 -8.62 -4.26 -11.11
CA ALA A 219 -9.84 -3.61 -11.57
C ALA A 219 -9.63 -2.93 -12.93
N GLN A 220 -8.43 -2.42 -13.17
CA GLN A 220 -8.10 -1.76 -14.42
C GLN A 220 -7.89 -2.80 -15.52
N ALA A 221 -7.31 -3.95 -15.16
CA ALA A 221 -7.10 -5.01 -16.14
C ALA A 221 -8.46 -5.55 -16.57
N GLN A 222 -9.41 -5.56 -15.64
CA GLN A 222 -10.75 -6.05 -15.93
C GLN A 222 -11.48 -5.08 -16.86
N ALA A 223 -11.23 -3.79 -16.68
CA ALA A 223 -11.85 -2.77 -17.53
C ALA A 223 -11.42 -3.03 -18.98
N ALA A 224 -10.11 -3.21 -19.17
CA ALA A 224 -9.56 -3.46 -20.50
C ALA A 224 -10.07 -4.78 -21.07
N GLU A 225 -10.28 -5.78 -20.21
CA GLU A 225 -10.78 -7.09 -20.66
C GLU A 225 -12.23 -7.00 -21.11
N MET A 226 -12.95 -5.99 -20.62
CA MET A 226 -14.35 -5.77 -20.99
C MET A 226 -14.42 -4.85 -22.22
N GLY A 227 -13.26 -4.52 -22.79
CA GLY A 227 -13.22 -3.68 -23.97
C GLY A 227 -13.17 -2.17 -23.73
N CYS A 228 -12.82 -1.75 -22.51
CA CYS A 228 -12.76 -0.33 -22.19
C CYS A 228 -11.35 0.18 -21.88
N ASP A 229 -11.15 1.48 -22.02
CA ASP A 229 -9.83 2.06 -21.76
C ASP A 229 -9.51 2.22 -20.28
N GLN A 230 -10.49 2.72 -19.52
CA GLN A 230 -10.27 3.00 -18.10
C GLN A 230 -11.40 2.52 -17.17
N VAL A 231 -11.03 2.28 -15.91
CA VAL A 231 -12.02 1.85 -14.92
C VAL A 231 -12.55 3.07 -14.19
N VAL A 232 -13.83 3.04 -13.85
CA VAL A 232 -14.45 4.13 -13.09
C VAL A 232 -14.96 3.49 -11.80
N TRP A 233 -14.78 4.20 -10.68
CA TRP A 233 -15.19 3.70 -9.38
C TRP A 233 -16.55 4.20 -8.90
N LEU A 234 -17.29 3.32 -8.23
CA LEU A 234 -18.60 3.65 -7.66
C LEU A 234 -18.40 3.52 -6.14
N ASP A 235 -19.15 4.27 -5.35
CA ASP A 235 -18.95 4.22 -3.89
C ASP A 235 -18.99 2.82 -3.29
N ALA A 236 -18.12 2.58 -2.32
CA ALA A 236 -18.03 1.27 -1.67
C ALA A 236 -19.21 0.90 -0.77
N ILE A 237 -20.06 1.87 -0.43
CA ILE A 237 -21.19 1.61 0.46
C ILE A 237 -22.45 1.14 -0.27
N GLU A 238 -22.97 1.96 -1.18
CA GLU A 238 -24.17 1.60 -1.92
C GLU A 238 -23.86 1.06 -3.32
N ARG A 239 -22.60 1.14 -3.73
CA ARG A 239 -22.17 0.64 -5.03
C ARG A 239 -23.02 1.31 -6.12
N ARG A 240 -23.39 2.55 -5.89
CA ARG A 240 -24.27 3.27 -6.82
C ARG A 240 -23.73 4.60 -7.35
N TYR A 241 -23.07 5.36 -6.49
CA TYR A 241 -22.58 6.67 -6.89
C TYR A 241 -21.21 6.73 -7.55
N VAL A 242 -21.20 7.38 -8.71
CA VAL A 242 -19.99 7.55 -9.52
C VAL A 242 -19.03 8.49 -8.81
N GLU A 243 -17.76 8.10 -8.71
CA GLU A 243 -16.82 8.97 -8.05
C GLU A 243 -15.56 9.35 -8.86
N GLU A 244 -14.77 8.37 -9.29
CA GLU A 244 -13.55 8.68 -10.06
C GLU A 244 -13.20 7.72 -11.20
N MET A 245 -12.38 8.21 -12.14
CA MET A 245 -11.91 7.38 -13.25
C MET A 245 -10.44 7.14 -12.93
N GLY A 246 -10.09 5.90 -12.58
CA GLY A 246 -8.73 5.63 -12.22
C GLY A 246 -8.44 6.58 -11.07
N GLY A 247 -7.39 7.38 -11.19
CA GLY A 247 -7.09 8.33 -10.14
C GLY A 247 -7.47 9.75 -10.53
N MET A 248 -8.45 9.90 -11.42
CA MET A 248 -8.89 11.22 -11.86
C MET A 248 -10.31 11.56 -11.44
N ASN A 249 -10.59 12.84 -11.24
CA ASN A 249 -11.94 13.27 -10.86
C ASN A 249 -12.81 13.32 -12.13
N LEU A 250 -14.13 13.41 -11.95
CA LEU A 250 -15.05 13.45 -13.07
C LEU A 250 -16.05 14.59 -13.00
N PHE A 251 -16.38 15.16 -14.16
CA PHE A 251 -17.36 16.24 -14.24
C PHE A 251 -18.43 15.86 -15.26
N PHE A 252 -19.65 16.35 -15.04
CA PHE A 252 -20.76 16.09 -15.93
C PHE A 252 -21.31 17.42 -16.40
N VAL A 253 -21.43 17.58 -17.71
CA VAL A 253 -21.97 18.80 -18.28
C VAL A 253 -23.44 18.60 -18.66
N PHE A 254 -24.31 19.44 -18.10
CA PHE A 254 -25.75 19.39 -18.39
C PHE A 254 -26.06 20.60 -19.25
N GLY A 255 -26.58 20.37 -20.45
CA GLY A 255 -26.89 21.48 -21.34
C GLY A 255 -25.67 21.93 -22.11
N SER A 256 -25.65 23.19 -22.53
CA SER A 256 -24.52 23.74 -23.28
C SER A 256 -24.63 25.25 -23.44
N GLY A 257 -23.58 25.86 -23.98
CA GLY A 257 -23.58 27.29 -24.16
C GLY A 257 -23.26 27.95 -22.83
N GLY A 258 -23.49 29.25 -22.72
CA GLY A 258 -23.21 29.94 -21.47
C GLY A 258 -24.15 29.56 -20.34
N SER A 259 -25.22 28.83 -20.67
CA SER A 259 -26.20 28.43 -19.67
C SER A 259 -26.02 26.99 -19.19
N ALA A 260 -24.98 26.33 -19.69
CA ALA A 260 -24.69 24.95 -19.31
C ALA A 260 -24.43 24.82 -17.80
N ARG A 261 -24.77 23.66 -17.25
CA ARG A 261 -24.61 23.40 -15.81
C ARG A 261 -23.49 22.37 -15.61
N LEU A 262 -22.73 22.52 -14.54
CA LEU A 262 -21.63 21.60 -14.28
C LEU A 262 -21.83 20.82 -12.98
N VAL A 263 -21.79 19.49 -13.07
CA VAL A 263 -21.96 18.66 -11.88
C VAL A 263 -20.75 17.74 -11.65
N THR A 264 -20.32 17.64 -10.39
CA THR A 264 -19.19 16.80 -10.04
C THR A 264 -19.41 16.23 -8.63
N PRO A 265 -19.04 14.95 -8.43
CA PRO A 265 -19.19 14.29 -7.12
C PRO A 265 -18.58 15.12 -5.98
N GLU A 266 -19.26 15.18 -4.84
CA GLU A 266 -18.73 15.96 -3.71
C GLU A 266 -17.63 15.20 -3.00
N LEU A 267 -16.85 15.90 -2.18
CA LEU A 267 -15.75 15.25 -1.45
C LEU A 267 -16.31 14.44 -0.28
N SER A 268 -16.64 13.18 -0.56
CA SER A 268 -17.20 12.28 0.46
C SER A 268 -16.36 12.19 1.72
N GLY A 269 -15.06 12.06 1.51
CA GLY A 269 -14.14 11.95 2.63
C GLY A 269 -13.16 10.87 2.25
N SER A 270 -13.56 10.05 1.28
CA SER A 270 -12.74 8.96 0.76
C SER A 270 -12.39 9.28 -0.69
N LEU A 271 -12.88 10.42 -1.17
CA LEU A 271 -12.66 10.88 -2.54
C LEU A 271 -11.42 11.76 -2.58
N LEU A 272 -10.59 11.57 -3.60
CA LEU A 272 -9.39 12.37 -3.72
C LEU A 272 -9.72 13.83 -4.04
N PRO A 273 -9.23 14.78 -3.22
CA PRO A 273 -9.47 16.22 -3.40
C PRO A 273 -8.53 16.76 -4.48
N GLY A 274 -8.92 16.55 -5.73
CA GLY A 274 -8.07 17.01 -6.84
C GLY A 274 -7.85 18.50 -6.91
N ILE A 275 -6.63 18.90 -7.26
CA ILE A 275 -6.30 20.32 -7.39
C ILE A 275 -6.92 20.81 -8.70
N THR A 276 -6.81 20.00 -9.74
CA THR A 276 -7.36 20.36 -11.04
C THR A 276 -8.88 20.50 -10.93
N ARG A 277 -9.49 19.60 -10.16
CA ARG A 277 -10.94 19.60 -9.93
C ARG A 277 -11.34 20.91 -9.27
N ASP A 278 -10.60 21.28 -8.24
CA ASP A 278 -10.86 22.52 -7.52
C ASP A 278 -10.74 23.72 -8.45
N SER A 279 -9.72 23.71 -9.30
CA SER A 279 -9.48 24.81 -10.22
C SER A 279 -10.58 24.95 -11.28
N LEU A 280 -11.01 23.82 -11.83
CA LEU A 280 -12.06 23.82 -12.86
C LEU A 280 -13.41 24.34 -12.36
N LEU A 281 -13.71 24.07 -11.10
CA LEU A 281 -14.96 24.55 -10.51
C LEU A 281 -14.91 26.08 -10.49
N GLN A 282 -13.75 26.64 -10.17
CA GLN A 282 -13.56 28.09 -10.11
C GLN A 282 -13.59 28.70 -11.51
N LEU A 283 -12.96 28.03 -12.47
CA LEU A 283 -12.94 28.51 -13.85
C LEU A 283 -14.34 28.49 -14.43
N ALA A 284 -15.10 27.44 -14.15
CA ALA A 284 -16.47 27.34 -14.65
C ALA A 284 -17.30 28.50 -14.11
N THR A 285 -17.12 28.83 -12.82
CA THR A 285 -17.84 29.95 -12.21
C THR A 285 -17.38 31.26 -12.86
N ASP A 286 -16.08 31.37 -13.10
CA ASP A 286 -15.54 32.57 -13.75
C ASP A 286 -16.23 32.80 -15.11
N ALA A 287 -16.50 31.71 -15.83
CA ALA A 287 -17.14 31.79 -17.14
C ALA A 287 -18.64 32.04 -17.04
N GLY A 288 -19.17 31.99 -15.82
CA GLY A 288 -20.59 32.21 -15.64
C GLY A 288 -21.40 30.93 -15.57
N PHE A 289 -20.73 29.78 -15.62
CA PHE A 289 -21.41 28.49 -15.54
C PHE A 289 -21.81 28.22 -14.09
N ALA A 290 -22.96 27.58 -13.90
CA ALA A 290 -23.40 27.23 -12.56
C ALA A 290 -22.70 25.90 -12.26
N VAL A 291 -22.22 25.74 -11.02
CA VAL A 291 -21.54 24.51 -10.65
C VAL A 291 -22.34 23.86 -9.53
N GLU A 292 -22.16 22.54 -9.37
CA GLU A 292 -22.90 21.80 -8.37
C GLU A 292 -22.10 20.57 -7.93
N GLU A 293 -21.84 20.47 -6.62
CA GLU A 293 -21.09 19.33 -6.04
C GLU A 293 -22.07 18.41 -5.32
N ARG A 294 -22.41 17.29 -5.94
CA ARG A 294 -23.36 16.35 -5.34
C ARG A 294 -23.10 14.91 -5.77
N LYS A 295 -23.98 14.02 -5.33
CA LYS A 295 -23.88 12.61 -5.69
C LYS A 295 -24.64 12.39 -6.99
N ILE A 296 -24.16 11.46 -7.80
CA ILE A 296 -24.82 11.15 -9.06
C ILE A 296 -24.55 9.67 -9.35
N ASP A 297 -25.62 8.92 -9.56
CA ASP A 297 -25.51 7.49 -9.80
C ASP A 297 -25.59 7.09 -11.28
N VAL A 298 -25.42 5.79 -11.52
CA VAL A 298 -25.45 5.22 -12.86
C VAL A 298 -26.77 5.44 -13.60
N ASP A 299 -27.90 5.33 -12.89
CA ASP A 299 -29.22 5.51 -13.53
C ASP A 299 -29.39 6.91 -14.09
N GLU A 300 -29.09 7.93 -13.28
CA GLU A 300 -29.22 9.29 -13.75
C GLU A 300 -28.25 9.52 -14.92
N TRP A 301 -27.02 9.03 -14.78
CA TRP A 301 -26.02 9.17 -15.82
C TRP A 301 -26.51 8.57 -17.14
N GLN A 302 -26.81 7.29 -17.14
CA GLN A 302 -27.27 6.62 -18.36
C GLN A 302 -28.56 7.21 -18.90
N LYS A 303 -29.52 7.47 -18.02
CA LYS A 303 -30.80 8.02 -18.45
C LYS A 303 -30.71 9.43 -19.03
N LYS A 304 -30.04 10.34 -18.32
CA LYS A 304 -29.91 11.71 -18.82
C LYS A 304 -28.97 11.80 -20.02
N ALA A 305 -28.01 10.88 -20.10
CA ALA A 305 -27.09 10.89 -21.22
C ALA A 305 -27.90 10.52 -22.47
N GLY A 306 -28.68 9.45 -22.36
CA GLY A 306 -29.49 9.01 -23.49
C GLY A 306 -30.51 10.07 -23.85
N ALA A 307 -31.03 10.76 -22.84
CA ALA A 307 -32.03 11.79 -23.05
C ALA A 307 -31.44 12.99 -23.78
N GLY A 308 -30.14 13.23 -23.58
CA GLY A 308 -29.49 14.35 -24.23
C GLY A 308 -29.25 15.52 -23.31
N GLU A 309 -29.64 15.38 -22.04
CA GLU A 309 -29.44 16.44 -21.06
C GLU A 309 -27.95 16.49 -20.73
N ILE A 310 -27.39 15.35 -20.35
CA ILE A 310 -25.96 15.27 -20.06
C ILE A 310 -25.28 15.19 -21.42
N THR A 311 -24.74 16.31 -21.87
CA THR A 311 -24.10 16.43 -23.17
C THR A 311 -22.62 16.06 -23.23
N GLU A 312 -21.94 16.07 -22.08
CA GLU A 312 -20.51 15.74 -22.04
C GLU A 312 -20.11 15.17 -20.68
N VAL A 313 -18.96 14.52 -20.65
CA VAL A 313 -18.38 13.96 -19.43
C VAL A 313 -16.85 14.01 -19.63
N PHE A 314 -16.14 14.41 -18.58
CA PHE A 314 -14.68 14.44 -18.66
C PHE A 314 -14.04 14.18 -17.32
N ALA A 315 -12.82 13.65 -17.36
CA ALA A 315 -12.03 13.36 -16.17
C ALA A 315 -10.95 14.43 -16.12
N CYS A 316 -10.43 14.70 -14.92
CA CYS A 316 -9.38 15.71 -14.79
C CYS A 316 -8.33 15.30 -13.76
N GLY A 317 -7.09 15.70 -14.03
CA GLY A 317 -5.98 15.40 -13.15
C GLY A 317 -4.75 16.13 -13.66
N THR A 318 -3.71 16.20 -12.84
CA THR A 318 -2.49 16.90 -13.20
C THR A 318 -1.80 16.43 -14.48
N ALA A 319 -1.54 15.14 -14.58
CA ALA A 319 -0.87 14.58 -15.76
C ALA A 319 -1.59 14.82 -17.08
N ALA A 320 -2.86 14.44 -17.15
CA ALA A 320 -3.64 14.60 -18.38
C ALA A 320 -4.40 15.92 -18.48
N VAL A 321 -4.53 16.60 -17.36
CA VAL A 321 -5.27 17.87 -17.29
C VAL A 321 -6.76 17.50 -17.43
N ILE A 322 -7.20 17.35 -18.67
CA ILE A 322 -8.58 16.99 -18.97
C ILE A 322 -8.62 15.89 -20.02
N THR A 323 -9.43 14.86 -19.76
CA THR A 323 -9.62 13.74 -20.68
C THR A 323 -11.10 13.52 -20.91
N PRO A 324 -11.57 13.65 -22.16
CA PRO A 324 -13.00 13.45 -22.47
C PRO A 324 -13.41 11.98 -22.30
N VAL A 325 -14.65 11.77 -21.85
CA VAL A 325 -15.18 10.42 -21.67
C VAL A 325 -16.35 10.32 -22.65
N SER A 326 -16.26 9.36 -23.57
CA SER A 326 -17.29 9.23 -24.60
C SER A 326 -18.16 7.98 -24.54
N HIS A 327 -17.67 6.93 -23.92
CA HIS A 327 -18.43 5.69 -23.87
C HIS A 327 -18.42 5.07 -22.48
N VAL A 328 -19.56 4.51 -22.08
CA VAL A 328 -19.72 3.92 -20.76
C VAL A 328 -20.23 2.49 -20.83
N LYS A 329 -19.64 1.62 -20.01
CA LYS A 329 -20.01 0.22 -19.98
C LYS A 329 -20.01 -0.24 -18.52
N HIS A 330 -21.02 -1.02 -18.14
CA HIS A 330 -21.12 -1.50 -16.78
C HIS A 330 -21.92 -2.79 -16.70
N HIS A 331 -21.88 -3.40 -15.51
CA HIS A 331 -22.56 -4.67 -15.27
C HIS A 331 -23.98 -4.77 -15.83
N ASP A 332 -24.70 -3.65 -15.89
CA ASP A 332 -26.08 -3.68 -16.39
C ASP A 332 -26.40 -2.76 -17.57
N GLY A 333 -25.38 -2.31 -18.30
CA GLY A 333 -25.66 -1.44 -19.43
C GLY A 333 -24.46 -0.93 -20.19
N GLU A 334 -24.74 -0.15 -21.23
CA GLU A 334 -23.71 0.42 -22.08
C GLU A 334 -24.34 1.56 -22.85
N PHE A 335 -23.65 2.69 -22.91
CA PHE A 335 -24.20 3.83 -23.62
C PHE A 335 -23.12 4.82 -24.02
N THR A 336 -23.46 5.66 -25.00
CA THR A 336 -22.54 6.66 -25.51
C THR A 336 -22.94 8.06 -25.06
N ILE A 337 -21.95 8.91 -24.82
CA ILE A 337 -22.19 10.28 -24.42
C ILE A 337 -22.19 11.15 -25.67
N ALA A 338 -23.33 11.75 -25.98
CA ALA A 338 -23.47 12.60 -27.16
C ALA A 338 -23.01 11.88 -28.42
N ASP A 339 -22.21 12.55 -29.22
CA ASP A 339 -21.74 11.95 -30.47
C ASP A 339 -20.43 11.18 -30.32
N GLY A 340 -19.99 10.97 -29.07
CA GLY A 340 -18.76 10.23 -28.86
C GLY A 340 -17.51 11.07 -29.09
N GLN A 341 -17.69 12.37 -29.33
CA GLN A 341 -16.57 13.25 -29.57
C GLN A 341 -16.36 14.18 -28.38
N PRO A 342 -15.18 14.83 -28.32
CA PRO A 342 -14.89 15.76 -27.21
C PRO A 342 -15.94 16.88 -27.22
N GLY A 343 -16.50 17.18 -26.05
CA GLY A 343 -17.51 18.22 -25.98
C GLY A 343 -16.95 19.65 -25.95
N GLU A 344 -17.80 20.59 -26.35
CA GLU A 344 -17.48 22.03 -26.40
C GLU A 344 -16.92 22.53 -25.07
N ILE A 345 -17.71 22.36 -24.01
CA ILE A 345 -17.33 22.81 -22.68
C ILE A 345 -16.04 22.14 -22.22
N THR A 346 -15.95 20.83 -22.42
CA THR A 346 -14.75 20.09 -22.03
C THR A 346 -13.51 20.76 -22.62
N MET A 347 -13.53 21.03 -23.92
CA MET A 347 -12.38 21.65 -24.58
C MET A 347 -12.16 23.12 -24.25
N ALA A 348 -13.23 23.85 -23.99
CA ALA A 348 -13.13 25.27 -23.65
C ALA A 348 -12.41 25.41 -22.29
N LEU A 349 -12.88 24.63 -21.32
CA LEU A 349 -12.29 24.64 -19.98
C LEU A 349 -10.85 24.12 -20.04
N ARG A 350 -10.59 23.10 -20.86
CA ARG A 350 -9.24 22.57 -20.98
C ARG A 350 -8.34 23.65 -21.55
N ASP A 351 -8.83 24.30 -22.60
CA ASP A 351 -8.09 25.37 -23.26
C ASP A 351 -7.81 26.54 -22.29
N THR A 352 -8.82 26.87 -21.49
CA THR A 352 -8.71 27.96 -20.52
C THR A 352 -7.64 27.66 -19.46
N LEU A 353 -7.71 26.48 -18.85
CA LEU A 353 -6.75 26.08 -17.82
C LEU A 353 -5.33 25.97 -18.35
N THR A 354 -5.14 25.28 -19.48
CA THR A 354 -3.78 25.16 -20.01
C THR A 354 -3.24 26.51 -20.46
N GLY A 355 -4.14 27.43 -20.82
CA GLY A 355 -3.71 28.75 -21.24
C GLY A 355 -3.15 29.53 -20.07
N ILE A 356 -3.78 29.38 -18.92
CA ILE A 356 -3.34 30.07 -17.72
C ILE A 356 -2.00 29.48 -17.29
N GLN A 357 -1.89 28.16 -17.36
CA GLN A 357 -0.66 27.48 -16.97
C GLN A 357 0.50 27.84 -17.91
N ARG A 358 0.19 28.11 -19.17
CA ARG A 358 1.23 28.44 -20.13
C ARG A 358 1.57 29.93 -20.20
N GLY A 359 0.78 30.75 -19.52
CA GLY A 359 1.01 32.18 -19.50
C GLY A 359 0.29 32.91 -20.61
N THR A 360 -0.54 32.18 -21.35
CA THR A 360 -1.31 32.74 -22.46
C THR A 360 -2.48 33.60 -21.95
N PHE A 361 -3.13 33.13 -20.89
CA PHE A 361 -4.28 33.83 -20.31
C PHE A 361 -3.99 34.39 -18.93
N ALA A 362 -4.69 35.47 -18.58
CA ALA A 362 -4.54 36.12 -17.29
C ALA A 362 -4.77 35.15 -16.13
N ASP A 363 -3.90 35.23 -15.13
CA ASP A 363 -3.98 34.39 -13.93
C ASP A 363 -4.56 35.26 -12.81
N THR A 364 -5.86 35.52 -12.87
CA THR A 364 -6.53 36.38 -11.89
C THR A 364 -6.59 35.83 -10.47
N HIS A 365 -6.39 34.52 -10.34
CA HIS A 365 -6.44 33.90 -9.03
C HIS A 365 -5.05 33.75 -8.42
N GLY A 366 -4.04 34.13 -9.17
CA GLY A 366 -2.69 34.00 -8.68
C GLY A 366 -2.31 32.55 -8.47
N TRP A 367 -2.68 31.68 -9.41
CA TRP A 367 -2.36 30.26 -9.30
C TRP A 367 -0.92 29.93 -9.69
N MET A 368 -0.37 30.70 -10.64
CA MET A 368 0.99 30.43 -11.10
C MET A 368 2.07 30.99 -10.19
N ALA A 369 2.92 30.11 -9.67
CA ALA A 369 4.01 30.52 -8.80
C ALA A 369 5.33 30.38 -9.54
N ARG A 370 6.20 31.36 -9.37
CA ARG A 370 7.50 31.34 -10.03
C ARG A 370 8.47 30.41 -9.29
N LEU A 371 9.22 29.61 -10.05
CA LEU A 371 10.21 28.69 -9.47
C LEU A 371 11.59 29.07 -9.98
N ASN A 372 11.64 29.49 -11.25
CA ASN A 372 12.85 29.89 -11.95
C ASN A 372 14.04 28.95 -11.90
N LEU B 10 15.39 -24.29 -11.12
CA LEU B 10 16.21 -23.11 -10.73
C LEU B 10 17.41 -23.47 -9.85
N GLU B 11 18.59 -23.06 -10.29
CA GLU B 11 19.83 -23.30 -9.56
C GLU B 11 20.21 -22.02 -8.82
N PHE B 12 20.69 -22.16 -7.59
CA PHE B 12 21.09 -21.02 -6.78
C PHE B 12 22.61 -20.96 -6.69
N THR B 13 23.18 -19.77 -6.88
CA THR B 13 24.62 -19.60 -6.78
C THR B 13 24.88 -18.99 -5.41
N VAL B 14 25.99 -19.37 -4.78
CA VAL B 14 26.31 -18.86 -3.44
C VAL B 14 27.51 -17.93 -3.38
N SER B 15 27.28 -16.72 -2.88
CA SER B 15 28.35 -15.74 -2.74
C SER B 15 28.43 -15.49 -1.23
N ALA B 16 29.31 -16.26 -0.58
CA ALA B 16 29.50 -16.20 0.87
C ALA B 16 29.91 -14.83 1.42
N ASN B 17 29.33 -14.47 2.56
CA ASN B 17 29.62 -13.22 3.23
C ASN B 17 31.07 -13.30 3.75
N THR B 18 31.93 -12.41 3.25
CA THR B 18 33.32 -12.38 3.66
C THR B 18 33.49 -11.61 4.97
N ASN B 19 32.42 -10.93 5.38
CA ASN B 19 32.43 -10.12 6.60
C ASN B 19 31.24 -10.49 7.50
N PRO B 20 31.11 -11.78 7.84
CA PRO B 20 29.99 -12.20 8.70
C PRO B 20 30.14 -11.72 10.14
N ALA B 21 29.06 -11.80 10.91
CA ALA B 21 29.11 -11.39 12.31
C ALA B 21 30.08 -12.30 13.04
N THR B 22 30.90 -11.73 13.93
CA THR B 22 31.85 -12.52 14.70
C THR B 22 31.05 -13.44 15.61
N ASP B 23 31.68 -14.51 16.07
CA ASP B 23 31.00 -15.45 16.96
C ASP B 23 30.48 -14.71 18.18
N ALA B 24 31.28 -13.76 18.66
CA ALA B 24 30.94 -12.97 19.83
C ALA B 24 29.64 -12.21 19.58
N VAL B 25 29.53 -11.57 18.42
CA VAL B 25 28.34 -10.82 18.07
C VAL B 25 27.13 -11.72 17.83
N ARG B 26 27.31 -12.78 17.04
CA ARG B 26 26.20 -13.69 16.76
C ARG B 26 25.69 -14.29 18.07
N GLU B 27 26.61 -14.72 18.93
CA GLU B 27 26.23 -15.32 20.21
C GLU B 27 25.49 -14.31 21.09
N SER B 28 25.94 -13.06 21.11
CA SER B 28 25.27 -12.07 21.93
C SER B 28 23.88 -11.83 21.37
N ILE B 29 23.73 -11.94 20.05
CA ILE B 29 22.41 -11.75 19.43
C ILE B 29 21.45 -12.84 19.88
N LEU B 30 21.83 -14.09 19.64
CA LEU B 30 21.02 -15.24 19.99
C LEU B 30 20.64 -15.28 21.48
N ALA B 31 21.48 -14.69 22.33
CA ALA B 31 21.21 -14.66 23.76
C ALA B 31 20.04 -13.71 24.07
N ASN B 32 19.85 -12.71 23.22
CA ASN B 32 18.77 -11.75 23.39
C ASN B 32 18.45 -11.15 22.02
N PRO B 33 17.78 -11.93 21.16
CA PRO B 33 17.41 -11.52 19.80
C PRO B 33 16.25 -10.54 19.63
N GLY B 34 15.25 -10.62 20.52
CA GLY B 34 14.09 -9.75 20.37
C GLY B 34 13.31 -10.30 19.19
N PHE B 35 12.84 -9.43 18.31
CA PHE B 35 12.10 -9.86 17.12
C PHE B 35 12.27 -8.87 15.97
N GLY B 36 12.64 -9.40 14.81
CA GLY B 36 12.83 -8.55 13.65
C GLY B 36 13.79 -7.41 13.90
N LYS B 37 14.71 -7.61 14.84
CA LYS B 37 15.70 -6.59 15.15
C LYS B 37 17.03 -6.87 14.47
N TYR B 38 17.45 -8.14 14.50
CA TYR B 38 18.72 -8.55 13.89
C TYR B 38 18.50 -9.53 12.73
N TYR B 39 19.43 -9.54 11.78
CA TYR B 39 19.34 -10.43 10.63
C TYR B 39 20.58 -11.30 10.45
N THR B 40 20.40 -12.45 9.82
CA THR B 40 21.49 -13.39 9.61
C THR B 40 22.52 -12.85 8.62
N ASP B 41 23.57 -13.63 8.36
CA ASP B 41 24.64 -13.20 7.47
C ASP B 41 24.32 -13.19 5.98
N HIS B 42 23.35 -14.01 5.56
CA HIS B 42 22.99 -14.05 4.15
C HIS B 42 21.50 -13.82 3.89
N MET B 43 21.16 -13.64 2.63
CA MET B 43 19.77 -13.46 2.23
C MET B 43 19.64 -14.08 0.84
N VAL B 44 18.43 -14.42 0.44
CA VAL B 44 18.23 -15.01 -0.87
C VAL B 44 17.63 -13.98 -1.81
N SER B 45 18.06 -14.01 -3.06
CA SER B 45 17.56 -13.07 -4.05
C SER B 45 17.28 -13.74 -5.38
N ILE B 46 16.11 -13.44 -5.95
CA ILE B 46 15.71 -14.00 -7.24
C ILE B 46 15.08 -12.87 -8.04
N ASP B 47 15.54 -12.67 -9.27
CA ASP B 47 15.02 -11.59 -10.10
C ASP B 47 13.96 -12.05 -11.08
N TYR B 48 13.09 -11.12 -11.48
CA TYR B 48 12.07 -11.44 -12.45
C TYR B 48 12.00 -10.40 -13.57
N THR B 49 11.93 -10.89 -14.80
CA THR B 49 11.78 -10.05 -15.98
C THR B 49 10.86 -10.88 -16.87
N VAL B 50 10.16 -10.24 -17.80
CA VAL B 50 9.24 -10.97 -18.67
C VAL B 50 9.92 -12.03 -19.54
N ASP B 51 10.98 -11.66 -20.24
CA ASP B 51 11.65 -12.60 -21.13
C ASP B 51 12.41 -13.74 -20.44
N GLU B 52 12.76 -13.57 -19.17
CA GLU B 52 13.48 -14.62 -18.46
C GLU B 52 12.74 -15.17 -17.26
N GLY B 53 11.57 -14.61 -16.97
CA GLY B 53 10.82 -15.07 -15.81
C GLY B 53 11.72 -15.00 -14.59
N TRP B 54 11.47 -15.86 -13.60
CA TRP B 54 12.29 -15.88 -12.40
C TRP B 54 13.65 -16.49 -12.74
N HIS B 55 14.73 -15.78 -12.43
CA HIS B 55 16.07 -16.27 -12.74
C HIS B 55 17.09 -15.61 -11.81
N ASN B 56 18.37 -15.93 -12.03
CA ASN B 56 19.45 -15.37 -11.24
C ASN B 56 19.20 -15.57 -9.75
N ALA B 57 18.78 -16.78 -9.39
CA ALA B 57 18.53 -17.13 -8.00
C ALA B 57 19.89 -17.21 -7.33
N GLN B 58 20.04 -16.55 -6.19
CA GLN B 58 21.33 -16.60 -5.52
C GLN B 58 21.27 -16.34 -4.02
N VAL B 59 22.28 -16.85 -3.34
CA VAL B 59 22.42 -16.65 -1.90
C VAL B 59 23.57 -15.65 -1.82
N ILE B 60 23.29 -14.46 -1.27
CA ILE B 60 24.35 -13.46 -1.17
C ILE B 60 24.44 -12.89 0.24
N PRO B 61 25.44 -12.05 0.49
CA PRO B 61 25.59 -11.46 1.82
C PRO B 61 24.42 -10.53 2.14
N TYR B 62 23.96 -10.54 3.39
CA TYR B 62 22.87 -9.66 3.78
C TYR B 62 23.41 -8.24 3.63
N GLY B 63 22.74 -7.42 2.83
CA GLY B 63 23.22 -6.06 2.67
C GLY B 63 22.22 -5.15 2.00
N PRO B 64 22.50 -3.84 1.94
CA PRO B 64 21.59 -2.89 1.31
C PRO B 64 21.21 -3.25 -0.11
N ILE B 65 19.95 -2.96 -0.44
CA ILE B 65 19.39 -3.22 -1.76
C ILE B 65 19.41 -1.89 -2.53
N GLN B 66 19.47 -1.96 -3.84
CA GLN B 66 19.47 -0.77 -4.67
C GLN B 66 18.21 -0.70 -5.51
N LEU B 67 17.65 0.49 -5.66
CA LEU B 67 16.45 0.69 -6.47
C LEU B 67 16.52 2.03 -7.18
N ASP B 68 15.97 2.08 -8.39
CA ASP B 68 15.91 3.32 -9.14
C ASP B 68 14.96 4.20 -8.33
N PRO B 69 15.16 5.52 -8.32
CA PRO B 69 14.25 6.38 -7.55
C PRO B 69 12.80 6.25 -7.99
N SER B 70 12.60 5.87 -9.26
CA SER B 70 11.25 5.73 -9.81
C SER B 70 10.72 4.30 -9.76
N ALA B 71 11.40 3.42 -9.04
CA ALA B 71 10.96 2.04 -8.94
C ALA B 71 9.52 2.05 -8.45
N ILE B 72 8.67 1.28 -9.13
CA ILE B 72 7.25 1.19 -8.83
C ILE B 72 6.89 0.96 -7.37
N VAL B 73 7.64 0.09 -6.68
CA VAL B 73 7.35 -0.18 -5.29
C VAL B 73 7.45 1.09 -4.44
N LEU B 74 8.25 2.06 -4.89
CA LEU B 74 8.43 3.29 -4.12
C LEU B 74 7.38 4.34 -4.43
N HIS B 75 6.47 4.04 -5.34
CA HIS B 75 5.44 5.00 -5.71
C HIS B 75 4.04 4.42 -5.63
N TYR B 76 3.85 3.22 -6.16
CA TYR B 76 2.53 2.62 -6.19
C TYR B 76 2.33 1.36 -5.35
N GLY B 77 3.19 1.20 -4.36
CA GLY B 77 3.12 0.10 -3.42
C GLY B 77 2.87 -1.33 -3.84
N GLN B 78 3.31 -1.72 -5.03
CA GLN B 78 3.10 -3.09 -5.48
C GLN B 78 4.14 -3.98 -4.80
N GLU B 79 3.74 -4.62 -3.71
CA GLU B 79 4.61 -5.48 -2.92
C GLU B 79 3.75 -6.42 -2.10
N ILE B 80 4.32 -7.57 -1.72
CA ILE B 80 3.63 -8.55 -0.90
C ILE B 80 4.67 -9.25 -0.03
N PHE B 81 4.24 -9.96 1.00
CA PHE B 81 5.20 -10.65 1.86
C PHE B 81 4.60 -11.86 2.54
N GLU B 82 5.44 -12.56 3.31
CA GLU B 82 5.04 -13.72 4.06
C GLU B 82 5.82 -13.79 5.37
N GLY B 83 5.37 -14.67 6.25
CA GLY B 83 6.02 -14.87 7.52
C GLY B 83 5.89 -16.31 7.95
N LEU B 84 7.01 -16.92 8.32
CA LEU B 84 7.05 -18.30 8.77
C LEU B 84 8.32 -18.47 9.62
N LYS B 85 8.57 -19.68 10.09
CA LYS B 85 9.75 -19.91 10.93
C LYS B 85 10.52 -21.20 10.65
N ALA B 86 11.73 -21.27 11.18
CA ALA B 86 12.59 -22.44 11.06
C ALA B 86 12.91 -22.81 12.49
N TYR B 87 12.75 -24.08 12.85
CA TYR B 87 13.02 -24.52 14.21
C TYR B 87 14.10 -25.59 14.25
N ARG B 88 14.84 -25.63 15.36
CA ARG B 88 15.88 -26.64 15.54
C ARG B 88 15.33 -27.70 16.49
N TRP B 89 15.35 -28.95 16.03
CA TRP B 89 14.86 -30.05 16.84
C TRP B 89 15.99 -30.75 17.59
N ALA B 90 15.62 -31.55 18.59
CA ALA B 90 16.61 -32.27 19.40
C ALA B 90 17.47 -33.23 18.57
N ASP B 91 16.89 -33.79 17.50
CA ASP B 91 17.63 -34.71 16.65
C ASP B 91 18.61 -33.97 15.75
N GLY B 92 18.71 -32.65 15.95
CA GLY B 92 19.63 -31.85 15.16
C GLY B 92 19.13 -31.30 13.84
N SER B 93 17.97 -31.74 13.38
CA SER B 93 17.42 -31.23 12.12
C SER B 93 16.74 -29.87 12.26
N ILE B 94 16.67 -29.13 11.16
CA ILE B 94 16.01 -27.83 11.16
C ILE B 94 14.71 -28.02 10.38
N VAL B 95 13.58 -27.66 10.99
CA VAL B 95 12.28 -27.83 10.35
C VAL B 95 11.48 -26.52 10.27
N SER B 96 10.38 -26.57 9.53
CA SER B 96 9.50 -25.42 9.38
C SER B 96 8.06 -25.90 9.48
N PHE B 97 7.18 -25.02 9.96
CA PHE B 97 5.76 -25.35 10.12
C PHE B 97 4.96 -24.93 8.89
N ARG B 98 4.41 -25.92 8.19
CA ARG B 98 3.60 -25.73 6.99
C ARG B 98 4.14 -24.70 5.99
N PRO B 99 5.39 -24.89 5.52
CA PRO B 99 5.97 -23.94 4.57
C PRO B 99 5.16 -23.88 3.27
N GLU B 100 4.60 -25.03 2.87
CA GLU B 100 3.80 -25.10 1.64
C GLU B 100 2.62 -24.14 1.68
N ALA B 101 2.05 -23.95 2.87
CA ALA B 101 0.92 -23.05 3.05
C ALA B 101 1.36 -21.62 2.77
N ASN B 102 2.55 -21.25 3.24
CA ASN B 102 3.06 -19.91 2.99
C ASN B 102 3.31 -19.74 1.49
N ALA B 103 3.90 -20.76 0.87
CA ALA B 103 4.17 -20.73 -0.57
C ALA B 103 2.88 -20.48 -1.36
N ALA B 104 1.82 -21.18 -0.99
CA ALA B 104 0.53 -21.04 -1.67
C ALA B 104 -0.14 -19.67 -1.41
N ARG B 105 0.09 -19.09 -0.24
CA ARG B 105 -0.51 -17.80 0.06
C ARG B 105 0.22 -16.66 -0.62
N LEU B 106 1.54 -16.81 -0.79
CA LEU B 106 2.31 -15.78 -1.46
C LEU B 106 1.80 -15.70 -2.90
N GLN B 107 1.49 -16.85 -3.49
CA GLN B 107 0.97 -16.89 -4.86
C GLN B 107 -0.41 -16.26 -4.90
N SER B 108 -1.19 -16.46 -3.84
CA SER B 108 -2.52 -15.90 -3.77
C SER B 108 -2.44 -14.38 -3.61
N SER B 109 -1.53 -13.92 -2.77
CA SER B 109 -1.35 -12.49 -2.56
C SER B 109 -0.83 -11.87 -3.86
N ALA B 110 0.04 -12.60 -4.56
CA ALA B 110 0.60 -12.10 -5.80
C ALA B 110 -0.48 -11.86 -6.85
N ARG B 111 -1.40 -12.81 -6.98
CA ARG B 111 -2.48 -12.66 -7.95
C ARG B 111 -3.34 -11.42 -7.67
N ARG B 112 -3.64 -11.19 -6.40
CA ARG B 112 -4.47 -10.05 -6.03
C ARG B 112 -3.77 -8.73 -6.34
N LEU B 113 -2.45 -8.72 -6.27
CA LEU B 113 -1.69 -7.49 -6.54
C LEU B 113 -1.05 -7.47 -7.93
N ALA B 114 -1.47 -8.37 -8.81
CA ALA B 114 -0.95 -8.42 -10.18
C ALA B 114 0.57 -8.59 -10.21
N ILE B 115 1.07 -9.54 -9.43
CA ILE B 115 2.49 -9.85 -9.35
C ILE B 115 2.67 -11.30 -9.80
N PRO B 116 3.73 -11.59 -10.56
CA PRO B 116 3.97 -12.97 -11.03
C PRO B 116 4.12 -13.90 -9.85
N GLU B 117 3.48 -15.07 -9.94
CA GLU B 117 3.55 -16.05 -8.87
C GLU B 117 4.91 -16.72 -8.90
N LEU B 118 5.41 -17.09 -7.73
CA LEU B 118 6.68 -17.78 -7.59
C LEU B 118 6.32 -19.23 -7.35
N PRO B 119 6.88 -20.15 -8.16
CA PRO B 119 6.60 -21.58 -8.01
C PRO B 119 6.85 -22.04 -6.57
N GLU B 120 6.00 -22.92 -6.08
CA GLU B 120 6.16 -23.43 -4.72
C GLU B 120 7.52 -24.07 -4.50
N GLU B 121 8.03 -24.76 -5.51
CA GLU B 121 9.31 -25.44 -5.42
C GLU B 121 10.43 -24.44 -5.20
N VAL B 122 10.35 -23.30 -5.88
CA VAL B 122 11.37 -22.27 -5.76
C VAL B 122 11.29 -21.62 -4.37
N PHE B 123 10.07 -21.43 -3.89
CA PHE B 123 9.84 -20.83 -2.58
C PHE B 123 10.49 -21.72 -1.51
N ILE B 124 10.13 -23.00 -1.53
CA ILE B 124 10.67 -23.95 -0.56
C ILE B 124 12.20 -24.04 -0.67
N GLU B 125 12.69 -24.12 -1.90
CA GLU B 125 14.14 -24.22 -2.12
C GLU B 125 14.87 -22.97 -1.57
N SER B 126 14.24 -21.81 -1.69
CA SER B 126 14.86 -20.58 -1.17
C SER B 126 15.05 -20.74 0.34
N LEU B 127 14.10 -21.38 1.00
CA LEU B 127 14.18 -21.60 2.43
C LEU B 127 15.34 -22.55 2.77
N ARG B 128 15.44 -23.66 2.05
CA ARG B 128 16.51 -24.64 2.29
C ARG B 128 17.87 -24.00 2.06
N GLN B 129 17.97 -23.21 0.99
CA GLN B 129 19.23 -22.54 0.65
C GLN B 129 19.72 -21.59 1.73
N LEU B 130 18.83 -20.79 2.29
CA LEU B 130 19.22 -19.85 3.32
C LEU B 130 19.67 -20.57 4.58
N ILE B 131 18.97 -21.63 4.94
CA ILE B 131 19.32 -22.42 6.13
C ILE B 131 20.66 -23.12 5.93
N ALA B 132 20.92 -23.55 4.70
CA ALA B 132 22.18 -24.24 4.40
C ALA B 132 23.40 -23.39 4.77
N VAL B 133 23.28 -22.08 4.68
CA VAL B 133 24.40 -21.19 5.00
C VAL B 133 24.29 -20.48 6.36
N ASP B 134 23.07 -20.17 6.79
CA ASP B 134 22.89 -19.48 8.07
C ASP B 134 22.32 -20.37 9.18
N GLU B 135 22.52 -21.68 9.05
CA GLU B 135 22.02 -22.63 10.04
C GLU B 135 22.46 -22.27 11.46
N LYS B 136 23.69 -21.78 11.61
CA LYS B 136 24.22 -21.39 12.90
C LYS B 136 23.38 -20.29 13.57
N TRP B 137 22.49 -19.65 12.82
CA TRP B 137 21.65 -18.58 13.37
C TRP B 137 20.35 -19.09 13.96
N VAL B 138 20.04 -20.37 13.70
CA VAL B 138 18.83 -20.99 14.22
C VAL B 138 19.06 -21.29 15.71
N PRO B 139 18.16 -20.81 16.58
CA PRO B 139 18.29 -21.02 18.04
C PRO B 139 18.36 -22.50 18.40
N PRO B 140 18.90 -22.81 19.59
CA PRO B 140 18.99 -24.20 19.99
C PRO B 140 17.62 -24.82 20.24
N ALA B 141 17.56 -26.14 20.29
CA ALA B 141 16.30 -26.85 20.53
C ALA B 141 15.94 -26.85 22.01
N GLY B 142 14.74 -27.29 22.32
CA GLY B 142 14.30 -27.34 23.71
C GLY B 142 13.58 -26.11 24.23
N GLY B 143 13.67 -25.01 23.48
CA GLY B 143 13.00 -23.79 23.91
C GLY B 143 11.91 -23.39 22.94
N GLU B 144 11.41 -22.17 23.11
CA GLU B 144 10.37 -21.64 22.24
C GLU B 144 10.91 -20.60 21.27
N GLU B 145 12.23 -20.46 21.23
CA GLU B 145 12.85 -19.49 20.33
C GLU B 145 13.00 -20.09 18.93
N SER B 146 13.15 -19.23 17.93
CA SER B 146 13.26 -19.71 16.56
C SER B 146 13.88 -18.68 15.62
N LEU B 147 13.90 -19.02 14.34
CA LEU B 147 14.42 -18.14 13.31
C LEU B 147 13.23 -17.72 12.44
N TYR B 148 12.91 -16.43 12.45
CA TYR B 148 11.80 -15.91 11.67
C TYR B 148 12.22 -15.70 10.21
N LEU B 149 11.45 -16.26 9.30
CA LEU B 149 11.74 -16.14 7.87
C LEU B 149 10.78 -15.19 7.19
N ARG B 150 11.33 -14.19 6.52
CA ARG B 150 10.53 -13.20 5.83
C ARG B 150 10.75 -13.19 4.32
N PRO B 151 9.92 -13.94 3.58
CA PRO B 151 10.08 -13.95 2.13
C PRO B 151 9.21 -12.78 1.63
N PHE B 152 9.67 -12.03 0.63
CA PHE B 152 8.89 -10.92 0.09
C PHE B 152 9.22 -10.59 -1.36
N VAL B 153 8.27 -9.94 -2.03
CA VAL B 153 8.43 -9.54 -3.43
C VAL B 153 8.08 -8.07 -3.62
N ILE B 154 8.95 -7.34 -4.32
CA ILE B 154 8.69 -5.92 -4.60
C ILE B 154 8.81 -5.63 -6.09
N ALA B 155 8.07 -4.64 -6.55
CA ALA B 155 8.09 -4.20 -7.96
C ALA B 155 9.26 -3.24 -8.10
N THR B 156 10.23 -3.60 -8.94
CA THR B 156 11.44 -2.80 -9.11
C THR B 156 11.56 -2.02 -10.43
N GLU B 157 10.65 -2.26 -11.36
CA GLU B 157 10.71 -1.57 -12.63
C GLU B 157 10.50 -0.06 -12.51
N PRO B 158 11.39 0.73 -13.12
CA PRO B 158 11.26 2.19 -13.08
C PRO B 158 10.10 2.61 -13.98
N GLY B 159 9.71 3.88 -13.93
CA GLY B 159 8.61 4.36 -14.74
C GLY B 159 7.48 4.83 -13.84
N LEU B 160 7.03 6.07 -14.05
CA LEU B 160 5.97 6.66 -13.24
C LEU B 160 4.54 6.41 -13.72
N GLY B 161 4.38 5.61 -14.76
CA GLY B 161 3.05 5.31 -15.24
C GLY B 161 2.43 4.31 -14.27
N VAL B 162 1.15 4.46 -13.97
CA VAL B 162 0.47 3.54 -13.05
C VAL B 162 0.06 2.25 -13.78
N ARG B 163 0.71 1.14 -13.45
CA ARG B 163 0.38 -0.13 -14.06
C ARG B 163 1.21 -1.22 -13.42
N PRO B 164 0.83 -2.49 -13.62
CA PRO B 164 1.62 -3.57 -13.01
C PRO B 164 3.05 -3.59 -13.53
N SER B 165 4.00 -3.74 -12.61
CA SER B 165 5.41 -3.78 -12.96
C SER B 165 5.74 -5.02 -13.81
N ASN B 166 6.83 -4.94 -14.57
CA ASN B 166 7.27 -6.07 -15.39
C ASN B 166 8.61 -6.60 -14.85
N GLU B 167 9.09 -5.99 -13.78
CA GLU B 167 10.33 -6.43 -13.15
C GLU B 167 10.07 -6.55 -11.66
N TYR B 168 10.51 -7.65 -11.07
CA TYR B 168 10.33 -7.84 -9.64
C TYR B 168 11.56 -8.47 -9.04
N ARG B 169 11.65 -8.40 -7.72
CA ARG B 169 12.75 -9.01 -7.01
C ARG B 169 12.16 -9.72 -5.81
N TYR B 170 12.49 -11.00 -5.68
CA TYR B 170 12.03 -11.80 -4.57
C TYR B 170 13.22 -11.86 -3.62
N LEU B 171 12.97 -11.54 -2.35
CA LEU B 171 14.02 -11.59 -1.36
C LEU B 171 13.58 -12.48 -0.20
N LEU B 172 14.55 -13.05 0.50
CA LEU B 172 14.30 -13.91 1.64
C LEU B 172 15.33 -13.57 2.71
N ILE B 173 14.85 -13.05 3.84
CA ILE B 173 15.74 -12.69 4.93
C ILE B 173 15.27 -13.41 6.17
N ALA B 174 16.17 -13.53 7.15
CA ALA B 174 15.88 -14.24 8.38
C ALA B 174 16.28 -13.39 9.59
N SER B 175 15.46 -13.45 10.62
CA SER B 175 15.70 -12.70 11.85
C SER B 175 15.47 -13.56 13.07
N PRO B 176 16.47 -13.65 13.97
CA PRO B 176 16.35 -14.46 15.18
C PRO B 176 15.17 -13.97 16.01
N ALA B 177 14.39 -14.91 16.52
CA ALA B 177 13.23 -14.56 17.35
C ALA B 177 13.30 -15.29 18.68
N GLY B 178 13.35 -14.53 19.78
CA GLY B 178 13.40 -15.16 21.09
C GLY B 178 11.99 -15.54 21.52
N ALA B 179 11.85 -16.00 22.76
CA ALA B 179 10.53 -16.37 23.28
C ALA B 179 9.68 -15.10 23.26
N TYR B 180 8.50 -15.19 22.66
CA TYR B 180 7.60 -14.05 22.58
C TYR B 180 7.18 -13.52 23.95
N PHE B 181 6.89 -14.43 24.87
CA PHE B 181 6.48 -14.03 26.22
C PHE B 181 7.57 -14.30 27.24
N LYS B 182 8.56 -13.41 27.27
CA LYS B 182 9.71 -13.48 28.17
C LYS B 182 9.37 -13.88 29.60
N GLY B 183 8.60 -13.05 30.28
CA GLY B 183 8.25 -13.34 31.67
C GLY B 183 6.83 -13.82 31.85
N GLY B 184 6.47 -14.91 31.16
CA GLY B 184 5.13 -15.44 31.27
C GLY B 184 4.21 -14.81 30.23
N ILE B 185 3.25 -15.59 29.74
CA ILE B 185 2.32 -15.08 28.74
C ILE B 185 1.49 -13.96 29.36
N LYS B 186 1.12 -12.98 28.55
CA LYS B 186 0.34 -11.85 29.06
C LYS B 186 -0.82 -11.49 28.12
N PRO B 187 -2.03 -11.33 28.66
CA PRO B 187 -3.20 -10.97 27.86
C PRO B 187 -3.21 -9.50 27.46
N VAL B 188 -3.91 -9.18 26.37
CA VAL B 188 -3.95 -7.81 25.91
C VAL B 188 -5.37 -7.22 25.91
N SER B 189 -5.45 -5.90 25.99
CA SER B 189 -6.75 -5.21 25.96
C SER B 189 -6.93 -4.72 24.53
N VAL B 190 -8.17 -4.72 24.05
CA VAL B 190 -8.42 -4.30 22.69
C VAL B 190 -9.41 -3.14 22.60
N TRP B 191 -9.26 -2.36 21.54
CA TRP B 191 -10.16 -1.25 21.25
C TRP B 191 -10.76 -1.55 19.89
N LEU B 192 -12.08 -1.62 19.83
CA LEU B 192 -12.75 -1.90 18.57
C LEU B 192 -12.81 -0.56 17.84
N SER B 193 -12.18 -0.51 16.67
CA SER B 193 -12.13 0.72 15.89
C SER B 193 -13.48 1.16 15.34
N HIS B 194 -13.93 2.32 15.81
CA HIS B 194 -15.20 2.90 15.40
C HIS B 194 -14.98 3.75 14.16
N GLU B 195 -13.84 4.42 14.12
CA GLU B 195 -13.49 5.33 13.02
C GLU B 195 -12.77 4.74 11.81
N TYR B 196 -12.04 3.64 11.97
CA TYR B 196 -11.30 3.10 10.84
C TYR B 196 -11.67 1.70 10.38
N VAL B 197 -11.34 1.42 9.12
CA VAL B 197 -11.62 0.13 8.50
C VAL B 197 -10.32 -0.52 8.01
N ARG B 198 -10.23 -1.84 8.17
CA ARG B 198 -9.03 -2.59 7.75
C ARG B 198 -9.06 -2.84 6.24
N ALA B 199 -10.22 -3.19 5.71
CA ALA B 199 -10.36 -3.45 4.29
C ALA B 199 -11.82 -3.40 3.86
N SER B 200 -12.04 -3.38 2.55
CA SER B 200 -13.40 -3.34 2.02
C SER B 200 -13.66 -4.56 1.13
N PRO B 201 -14.95 -4.91 0.95
CA PRO B 201 -15.32 -6.06 0.12
C PRO B 201 -14.59 -5.99 -1.23
N GLY B 202 -14.13 -7.14 -1.70
CA GLY B 202 -13.43 -7.18 -2.96
C GLY B 202 -12.04 -6.56 -2.89
N GLY B 203 -11.73 -5.92 -1.75
CA GLY B 203 -10.45 -5.29 -1.57
C GLY B 203 -9.27 -6.23 -1.46
N THR B 204 -8.22 -5.77 -0.79
CA THR B 204 -7.01 -6.56 -0.63
C THR B 204 -6.85 -7.14 0.77
N GLY B 205 -7.97 -7.26 1.50
CA GLY B 205 -7.93 -7.77 2.85
C GLY B 205 -7.47 -9.22 3.04
N ALA B 206 -7.52 -10.02 1.98
CA ALA B 206 -7.12 -11.42 2.07
C ALA B 206 -5.65 -11.68 1.71
N ALA B 207 -4.90 -10.64 1.36
CA ALA B 207 -3.49 -10.82 0.99
C ALA B 207 -2.54 -10.14 1.97
N LYS B 208 -1.37 -10.74 2.18
CA LYS B 208 -0.37 -10.12 3.04
C LYS B 208 0.31 -9.13 2.12
N PHE B 209 -0.24 -7.92 2.13
CA PHE B 209 0.17 -6.81 1.29
C PHE B 209 0.46 -5.56 2.13
N GLY B 210 1.65 -4.98 1.93
CA GLY B 210 2.06 -3.82 2.68
C GLY B 210 1.04 -2.70 2.86
N GLY B 211 0.33 -2.37 1.79
CA GLY B 211 -0.67 -1.32 1.85
C GLY B 211 -1.62 -1.47 3.02
N ASN B 212 -2.07 -2.70 3.29
CA ASN B 212 -3.00 -2.94 4.39
C ASN B 212 -2.44 -2.49 5.73
N TYR B 213 -1.13 -2.67 5.92
CA TYR B 213 -0.52 -2.30 7.18
C TYR B 213 -0.28 -0.82 7.39
N ALA B 214 0.14 -0.11 6.35
CA ALA B 214 0.38 1.33 6.45
C ALA B 214 -0.94 2.05 6.73
N ALA B 215 -2.01 1.57 6.11
CA ALA B 215 -3.31 2.20 6.28
C ALA B 215 -3.88 1.95 7.67
N SER B 216 -3.27 1.03 8.42
CA SER B 216 -3.77 0.69 9.76
C SER B 216 -3.07 1.43 10.91
N LEU B 217 -1.90 2.00 10.63
CA LEU B 217 -1.11 2.67 11.66
C LEU B 217 -1.89 3.67 12.54
N LEU B 218 -2.68 4.54 11.91
CA LEU B 218 -3.44 5.53 12.67
C LEU B 218 -4.45 4.87 13.62
N ALA B 219 -5.10 3.81 13.16
CA ALA B 219 -6.09 3.11 13.98
C ALA B 219 -5.44 2.44 15.20
N GLN B 220 -4.21 1.97 15.03
CA GLN B 220 -3.50 1.33 16.14
C GLN B 220 -3.05 2.41 17.13
N ALA B 221 -2.68 3.57 16.62
CA ALA B 221 -2.26 4.66 17.49
C ALA B 221 -3.45 5.10 18.35
N GLN B 222 -4.62 5.20 17.72
CA GLN B 222 -5.84 5.59 18.40
C GLN B 222 -6.21 4.56 19.47
N ALA B 223 -6.06 3.27 19.15
CA ALA B 223 -6.38 2.24 20.10
C ALA B 223 -5.55 2.47 21.38
N ALA B 224 -4.27 2.74 21.19
CA ALA B 224 -3.38 2.99 22.31
C ALA B 224 -3.81 4.26 23.05
N GLU B 225 -4.29 5.25 22.29
CA GLU B 225 -4.72 6.53 22.85
C GLU B 225 -5.98 6.37 23.70
N MET B 226 -6.75 5.31 23.43
CA MET B 226 -7.96 5.03 24.19
C MET B 226 -7.60 4.16 25.41
N GLY B 227 -6.30 3.90 25.56
CA GLY B 227 -5.86 3.10 26.70
C GLY B 227 -5.90 1.59 26.49
N CYS B 228 -5.75 1.15 25.24
CA CYS B 228 -5.76 -0.27 24.93
C CYS B 228 -4.48 -0.71 24.23
N ASP B 229 -4.19 -2.00 24.27
CA ASP B 229 -2.98 -2.52 23.64
C ASP B 229 -3.05 -2.66 22.13
N GLN B 230 -4.16 -3.20 21.65
CA GLN B 230 -4.31 -3.46 20.22
C GLN B 230 -5.66 -3.02 19.67
N VAL B 231 -5.68 -2.71 18.38
CA VAL B 231 -6.91 -2.32 17.73
C VAL B 231 -7.54 -3.60 17.17
N VAL B 232 -8.87 -3.67 17.20
CA VAL B 232 -9.61 -4.81 16.64
C VAL B 232 -10.49 -4.20 15.56
N TRP B 233 -10.59 -4.89 14.43
CA TRP B 233 -11.37 -4.42 13.30
C TRP B 233 -12.79 -4.98 13.20
N LEU B 234 -13.73 -4.12 12.79
CA LEU B 234 -15.12 -4.50 12.61
C LEU B 234 -15.38 -4.32 11.10
N ASP B 235 -16.26 -5.13 10.52
CA ASP B 235 -16.50 -5.05 9.07
C ASP B 235 -16.78 -3.64 8.54
N ALA B 236 -16.40 -3.41 7.29
CA ALA B 236 -16.57 -2.11 6.67
C ALA B 236 -18.01 -1.76 6.26
N ILE B 237 -18.88 -2.76 6.13
CA ILE B 237 -20.26 -2.51 5.71
C ILE B 237 -21.22 -2.16 6.85
N GLU B 238 -21.38 -3.08 7.81
CA GLU B 238 -22.28 -2.84 8.93
C GLU B 238 -21.55 -2.35 10.17
N ARG B 239 -20.22 -2.32 10.12
CA ARG B 239 -19.42 -1.84 11.23
C ARG B 239 -19.81 -2.52 12.54
N ARG B 240 -20.09 -3.83 12.49
CA ARG B 240 -20.50 -4.54 13.69
C ARG B 240 -19.90 -5.94 13.86
N TYR B 241 -19.51 -6.57 12.77
CA TYR B 241 -18.93 -7.91 12.86
C TYR B 241 -17.43 -7.87 13.08
N VAL B 242 -17.00 -8.60 14.11
CA VAL B 242 -15.58 -8.66 14.48
C VAL B 242 -14.76 -9.43 13.43
N GLU B 243 -13.61 -8.87 13.05
CA GLU B 243 -12.78 -9.54 12.05
C GLU B 243 -11.43 -10.02 12.60
N GLU B 244 -10.57 -9.07 12.95
CA GLU B 244 -9.23 -9.40 13.42
C GLU B 244 -8.68 -8.41 14.45
N MET B 245 -7.57 -8.79 15.06
CA MET B 245 -6.90 -7.92 16.02
C MET B 245 -5.57 -7.61 15.34
N GLY B 246 -5.39 -6.36 14.91
CA GLY B 246 -4.17 -6.01 14.22
C GLY B 246 -4.11 -6.93 13.02
N GLY B 247 -2.98 -7.57 12.79
CA GLY B 247 -2.86 -8.48 11.67
C GLY B 247 -3.06 -9.94 12.10
N MET B 248 -3.73 -10.14 13.23
CA MET B 248 -3.97 -11.48 13.77
C MET B 248 -5.45 -11.90 13.71
N ASN B 249 -5.71 -13.20 13.62
CA ASN B 249 -7.09 -13.69 13.58
C ASN B 249 -7.62 -13.77 15.03
N LEU B 250 -8.92 -13.98 15.17
CA LEU B 250 -9.54 -14.06 16.50
C LEU B 250 -10.41 -15.29 16.71
N PHE B 251 -10.42 -15.79 17.95
CA PHE B 251 -11.23 -16.95 18.31
C PHE B 251 -12.03 -16.63 19.56
N PHE B 252 -13.21 -17.22 19.66
CA PHE B 252 -14.10 -17.03 20.80
C PHE B 252 -14.42 -18.39 21.39
N VAL B 253 -14.11 -18.57 22.67
CA VAL B 253 -14.39 -19.84 23.33
C VAL B 253 -15.68 -19.77 24.14
N PHE B 254 -16.59 -20.71 23.89
CA PHE B 254 -17.86 -20.80 24.60
C PHE B 254 -17.80 -22.02 25.53
N GLY B 255 -18.16 -21.81 26.79
CA GLY B 255 -18.14 -22.93 27.74
C GLY B 255 -16.72 -23.27 28.15
N SER B 256 -16.53 -24.47 28.68
CA SER B 256 -15.19 -24.89 29.12
C SER B 256 -15.07 -26.41 29.13
N GLY B 257 -13.89 -26.90 29.48
CA GLY B 257 -13.68 -28.34 29.52
C GLY B 257 -13.82 -28.95 28.14
N GLY B 258 -13.89 -30.27 28.08
CA GLY B 258 -14.01 -30.96 26.81
C GLY B 258 -15.25 -30.61 25.99
N SER B 259 -16.26 -30.07 26.66
CA SER B 259 -17.49 -29.71 25.98
C SER B 259 -17.45 -28.27 25.45
N ALA B 260 -16.28 -27.64 25.51
CA ALA B 260 -16.12 -26.26 25.06
C ALA B 260 -16.27 -26.16 23.54
N ARG B 261 -16.74 -25.01 23.07
CA ARG B 261 -16.94 -24.76 21.65
C ARG B 261 -16.15 -23.53 21.22
N LEU B 262 -15.65 -23.54 19.98
CA LEU B 262 -14.91 -22.39 19.48
C LEU B 262 -15.58 -21.78 18.26
N VAL B 263 -15.68 -20.45 18.27
CA VAL B 263 -16.25 -19.72 17.15
C VAL B 263 -15.18 -18.75 16.65
N THR B 264 -15.09 -18.62 15.34
CA THR B 264 -14.13 -17.71 14.72
C THR B 264 -14.75 -17.16 13.43
N PRO B 265 -14.53 -15.87 13.14
CA PRO B 265 -15.07 -15.24 11.93
C PRO B 265 -14.75 -16.05 10.67
N GLU B 266 -15.75 -16.23 9.82
CA GLU B 266 -15.56 -17.00 8.60
C GLU B 266 -14.75 -16.20 7.59
N LEU B 267 -14.09 -16.89 6.66
CA LEU B 267 -13.30 -16.24 5.64
C LEU B 267 -14.22 -15.55 4.65
N SER B 268 -14.62 -14.32 4.97
CA SER B 268 -15.51 -13.53 4.12
C SER B 268 -14.90 -13.17 2.77
N GLY B 269 -13.70 -13.68 2.52
CA GLY B 269 -13.05 -13.36 1.26
C GLY B 269 -12.22 -12.11 1.41
N SER B 270 -12.53 -11.32 2.45
CA SER B 270 -11.79 -10.09 2.72
C SER B 270 -11.01 -10.24 4.02
N LEU B 271 -11.11 -11.42 4.63
CA LEU B 271 -10.42 -11.72 5.87
C LEU B 271 -9.09 -12.41 5.56
N LEU B 272 -8.09 -12.22 6.42
CA LEU B 272 -6.79 -12.85 6.22
C LEU B 272 -6.85 -14.34 6.55
N PRO B 273 -6.56 -15.20 5.56
CA PRO B 273 -6.59 -16.66 5.73
C PRO B 273 -5.41 -17.11 6.57
N GLY B 274 -5.45 -16.83 7.87
CA GLY B 274 -4.36 -17.20 8.74
C GLY B 274 -4.06 -18.69 8.70
N ILE B 275 -2.77 -19.02 8.64
CA ILE B 275 -2.34 -20.42 8.63
C ILE B 275 -2.46 -20.96 10.05
N THR B 276 -2.12 -20.13 11.03
CA THR B 276 -2.22 -20.55 12.43
C THR B 276 -3.70 -20.83 12.70
N ARG B 277 -4.55 -19.94 12.21
CA ARG B 277 -5.99 -20.06 12.35
C ARG B 277 -6.50 -21.38 11.77
N ASP B 278 -6.03 -21.72 10.59
CA ASP B 278 -6.41 -22.95 9.91
C ASP B 278 -6.02 -24.16 10.77
N SER B 279 -4.81 -24.12 11.31
CA SER B 279 -4.30 -25.20 12.15
C SER B 279 -5.07 -25.39 13.45
N LEU B 280 -5.45 -24.29 14.10
CA LEU B 280 -6.17 -24.35 15.37
C LEU B 280 -7.56 -24.95 15.22
N LEU B 281 -8.25 -24.65 14.13
CA LEU B 281 -9.58 -25.24 13.93
C LEU B 281 -9.42 -26.76 13.86
N GLN B 282 -8.35 -27.20 13.19
CA GLN B 282 -8.08 -28.63 13.06
C GLN B 282 -7.72 -29.25 14.41
N LEU B 283 -6.83 -28.59 15.15
CA LEU B 283 -6.43 -29.09 16.45
C LEU B 283 -7.60 -29.09 17.42
N ALA B 284 -8.49 -28.12 17.28
CA ALA B 284 -9.66 -28.06 18.15
C ALA B 284 -10.50 -29.30 17.90
N THR B 285 -10.57 -29.68 16.63
CA THR B 285 -11.32 -30.86 16.21
C THR B 285 -10.65 -32.12 16.77
N ASP B 286 -9.33 -32.17 16.68
CA ASP B 286 -8.59 -33.31 17.19
C ASP B 286 -8.83 -33.53 18.68
N ALA B 287 -8.94 -32.44 19.43
CA ALA B 287 -9.15 -32.51 20.87
C ALA B 287 -10.61 -32.83 21.23
N GLY B 288 -11.49 -32.79 20.24
CA GLY B 288 -12.88 -33.08 20.51
C GLY B 288 -13.76 -31.85 20.68
N PHE B 289 -13.19 -30.67 20.44
CA PHE B 289 -13.95 -29.43 20.55
C PHE B 289 -14.76 -29.19 19.29
N ALA B 290 -15.96 -28.63 19.45
CA ALA B 290 -16.80 -28.29 18.31
C ALA B 290 -16.29 -26.95 17.81
N VAL B 291 -16.28 -26.74 16.49
CA VAL B 291 -15.81 -25.48 15.95
C VAL B 291 -16.85 -24.86 15.00
N GLU B 292 -16.80 -23.55 14.87
CA GLU B 292 -17.71 -22.82 13.99
C GLU B 292 -16.98 -21.69 13.27
N GLU B 293 -17.37 -21.48 12.02
CA GLU B 293 -16.81 -20.40 11.22
C GLU B 293 -18.00 -19.56 10.81
N ARG B 294 -18.19 -18.43 11.48
CA ARG B 294 -19.30 -17.56 11.17
C ARG B 294 -19.15 -16.14 11.73
N LYS B 295 -20.15 -15.31 11.45
CA LYS B 295 -20.17 -13.93 11.89
C LYS B 295 -20.52 -13.80 13.37
N ILE B 296 -19.94 -12.79 14.01
CA ILE B 296 -20.22 -12.51 15.40
C ILE B 296 -19.96 -11.03 15.60
N ASP B 297 -20.99 -10.31 16.05
CA ASP B 297 -20.87 -8.88 16.27
C ASP B 297 -20.58 -8.49 17.71
N VAL B 298 -20.36 -7.20 17.92
CA VAL B 298 -20.06 -6.66 19.25
C VAL B 298 -21.18 -6.94 20.24
N ASP B 299 -22.42 -6.83 19.80
CA ASP B 299 -23.56 -7.10 20.69
C ASP B 299 -23.48 -8.50 21.28
N GLU B 300 -23.30 -9.51 20.43
CA GLU B 300 -23.22 -10.90 20.90
C GLU B 300 -22.03 -11.08 21.83
N TRP B 301 -20.89 -10.53 21.41
CA TRP B 301 -19.66 -10.62 22.19
C TRP B 301 -19.84 -10.07 23.60
N GLN B 302 -20.25 -8.81 23.71
CA GLN B 302 -20.44 -8.20 25.03
C GLN B 302 -21.53 -8.88 25.85
N LYS B 303 -22.65 -9.19 25.22
CA LYS B 303 -23.76 -9.85 25.92
C LYS B 303 -23.36 -11.21 26.47
N LYS B 304 -22.82 -12.07 25.60
CA LYS B 304 -22.42 -13.41 26.02
C LYS B 304 -21.18 -13.45 26.92
N ALA B 305 -20.30 -12.47 26.78
CA ALA B 305 -19.11 -12.43 27.63
C ALA B 305 -19.57 -12.06 29.03
N GLY B 306 -20.58 -11.19 29.11
CA GLY B 306 -21.08 -10.78 30.39
C GLY B 306 -21.87 -11.88 31.07
N ALA B 307 -22.61 -12.65 30.27
CA ALA B 307 -23.42 -13.75 30.78
C ALA B 307 -22.55 -14.95 31.15
N GLY B 308 -21.26 -14.84 30.92
CA GLY B 308 -20.35 -15.93 31.24
C GLY B 308 -20.40 -17.07 30.25
N GLU B 309 -21.04 -16.86 29.10
CA GLU B 309 -21.11 -17.91 28.10
C GLU B 309 -19.79 -17.95 27.31
N ILE B 310 -19.32 -16.78 26.89
CA ILE B 310 -18.03 -16.73 26.20
C ILE B 310 -17.07 -16.65 27.38
N THR B 311 -16.20 -17.65 27.50
CA THR B 311 -15.26 -17.70 28.61
C THR B 311 -13.85 -17.23 28.28
N GLU B 312 -13.50 -17.25 26.99
CA GLU B 312 -12.17 -16.83 26.57
C GLU B 312 -12.21 -16.26 25.17
N VAL B 313 -11.16 -15.51 24.83
CA VAL B 313 -10.99 -14.90 23.53
C VAL B 313 -9.47 -14.84 23.36
N PHE B 314 -8.99 -15.18 22.18
CA PHE B 314 -7.56 -15.12 21.91
C PHE B 314 -7.33 -14.79 20.44
N ALA B 315 -6.17 -14.23 20.16
CA ALA B 315 -5.77 -13.87 18.81
C ALA B 315 -4.67 -14.86 18.39
N CYS B 316 -4.51 -15.08 17.10
CA CYS B 316 -3.47 -16.01 16.65
C CYS B 316 -2.77 -15.51 15.40
N GLY B 317 -1.51 -15.91 15.26
CA GLY B 317 -0.70 -15.50 14.13
C GLY B 317 0.65 -16.19 14.26
N THR B 318 1.47 -16.15 13.21
CA THR B 318 2.78 -16.79 13.23
C THR B 318 3.75 -16.33 14.32
N ALA B 319 3.98 -15.03 14.43
CA ALA B 319 4.90 -14.50 15.43
C ALA B 319 4.62 -14.92 16.86
N ALA B 320 3.43 -14.60 17.35
CA ALA B 320 3.06 -14.91 18.73
C ALA B 320 2.34 -16.24 18.93
N VAL B 321 1.91 -16.86 17.83
CA VAL B 321 1.17 -18.12 17.86
C VAL B 321 -0.22 -17.84 18.42
N ILE B 322 -0.30 -17.64 19.73
CA ILE B 322 -1.58 -17.32 20.37
C ILE B 322 -1.37 -16.27 21.46
N THR B 323 -2.20 -15.25 21.44
CA THR B 323 -2.16 -14.15 22.41
C THR B 323 -3.57 -14.04 23.02
N PRO B 324 -3.67 -14.13 24.36
CA PRO B 324 -4.97 -14.03 25.03
C PRO B 324 -5.52 -12.60 25.00
N VAL B 325 -6.84 -12.47 24.88
CA VAL B 325 -7.50 -11.17 24.89
C VAL B 325 -8.39 -11.17 26.13
N SER B 326 -8.08 -10.29 27.08
CA SER B 326 -8.84 -10.26 28.33
C SER B 326 -9.74 -9.05 28.57
N HIS B 327 -9.58 -7.99 27.77
CA HIS B 327 -10.37 -6.80 27.98
C HIS B 327 -10.77 -6.09 26.69
N VAL B 328 -12.04 -5.67 26.63
CA VAL B 328 -12.59 -5.03 25.45
C VAL B 328 -13.17 -3.64 25.76
N LYS B 329 -12.96 -2.72 24.83
CA LYS B 329 -13.44 -1.36 24.99
C LYS B 329 -13.84 -0.87 23.60
N HIS B 330 -15.03 -0.28 23.49
CA HIS B 330 -15.49 0.23 22.21
C HIS B 330 -16.36 1.47 22.39
N HIS B 331 -16.79 2.04 21.27
CA HIS B 331 -17.60 3.24 21.28
C HIS B 331 -18.78 3.20 22.25
N ASP B 332 -19.44 2.05 22.34
CA ASP B 332 -20.61 1.95 23.22
C ASP B 332 -20.46 1.09 24.47
N GLY B 333 -19.24 0.80 24.89
CA GLY B 333 -19.09 -0.01 26.08
C GLY B 333 -17.68 -0.46 26.41
N GLU B 334 -17.57 -1.22 27.49
CA GLU B 334 -16.31 -1.75 27.97
C GLU B 334 -16.60 -2.93 28.89
N PHE B 335 -15.87 -4.02 28.70
CA PHE B 335 -16.07 -5.20 29.52
C PHE B 335 -14.84 -6.10 29.57
N THR B 336 -14.81 -6.98 30.57
CA THR B 336 -13.71 -7.89 30.76
C THR B 336 -14.13 -9.31 30.42
N ILE B 337 -13.19 -10.12 29.98
CA ILE B 337 -13.46 -11.50 29.63
C ILE B 337 -13.09 -12.41 30.79
N ALA B 338 -14.10 -13.02 31.40
CA ALA B 338 -13.89 -13.91 32.54
C ALA B 338 -13.16 -13.17 33.66
N ASP B 339 -12.06 -13.75 34.15
CA ASP B 339 -11.30 -13.13 35.22
C ASP B 339 -10.15 -12.26 34.71
N GLY B 340 -10.13 -12.04 33.40
CA GLY B 340 -9.10 -11.21 32.81
C GLY B 340 -7.77 -11.93 32.65
N GLN B 341 -7.77 -13.23 32.92
CA GLN B 341 -6.55 -14.03 32.81
C GLN B 341 -6.59 -14.95 31.59
N PRO B 342 -5.44 -15.53 31.22
CA PRO B 342 -5.41 -16.43 30.06
C PRO B 342 -6.34 -17.63 30.32
N GLY B 343 -7.19 -17.97 29.35
CA GLY B 343 -8.12 -19.07 29.53
C GLY B 343 -7.52 -20.46 29.39
N GLU B 344 -8.23 -21.46 29.90
CA GLU B 344 -7.83 -22.88 29.85
C GLU B 344 -7.60 -23.40 28.44
N ILE B 345 -8.63 -23.28 27.61
CA ILE B 345 -8.59 -23.74 26.23
C ILE B 345 -7.51 -23.02 25.43
N THR B 346 -7.43 -21.71 25.62
CA THR B 346 -6.44 -20.87 24.95
C THR B 346 -5.02 -21.41 25.19
N MET B 347 -4.68 -21.65 26.45
CA MET B 347 -3.35 -22.16 26.76
C MET B 347 -3.17 -23.61 26.33
N ALA B 348 -4.23 -24.40 26.45
CA ALA B 348 -4.18 -25.81 26.04
C ALA B 348 -3.87 -25.89 24.54
N LEU B 349 -4.58 -25.09 23.74
CA LEU B 349 -4.37 -25.09 22.30
C LEU B 349 -2.98 -24.53 21.94
N ARG B 350 -2.52 -23.52 22.68
CA ARG B 350 -1.21 -22.95 22.38
C ARG B 350 -0.12 -23.95 22.73
N ASP B 351 -0.26 -24.63 23.87
CA ASP B 351 0.72 -25.62 24.29
C ASP B 351 0.80 -26.72 23.22
N THR B 352 -0.36 -27.19 22.75
CA THR B 352 -0.41 -28.24 21.74
C THR B 352 0.28 -27.86 20.42
N LEU B 353 -0.05 -26.67 19.89
CA LEU B 353 0.52 -26.24 18.63
C LEU B 353 2.02 -26.03 18.72
N THR B 354 2.47 -25.32 19.76
CA THR B 354 3.90 -25.10 19.94
C THR B 354 4.59 -26.44 20.19
N GLY B 355 3.86 -27.38 20.77
CA GLY B 355 4.43 -28.69 21.04
C GLY B 355 4.72 -29.43 19.75
N ILE B 356 3.80 -29.30 18.78
CA ILE B 356 3.99 -29.95 17.46
C ILE B 356 5.19 -29.30 16.75
N GLN B 357 5.18 -27.97 16.75
CA GLN B 357 6.24 -27.19 16.09
C GLN B 357 7.63 -27.46 16.68
N ARG B 358 7.69 -27.74 17.98
CA ARG B 358 8.94 -28.01 18.66
C ARG B 358 9.35 -29.48 18.59
N GLY B 359 8.45 -30.31 18.08
CA GLY B 359 8.74 -31.73 17.96
C GLY B 359 8.40 -32.54 19.20
N THR B 360 7.77 -31.91 20.19
CA THR B 360 7.41 -32.62 21.41
C THR B 360 6.17 -33.50 21.27
N PHE B 361 5.25 -33.07 20.42
CA PHE B 361 4.00 -33.80 20.17
C PHE B 361 3.94 -34.38 18.75
N ALA B 362 3.18 -35.46 18.60
CA ALA B 362 3.00 -36.13 17.33
C ALA B 362 2.39 -35.22 16.27
N ASP B 363 3.05 -35.18 15.10
CA ASP B 363 2.60 -34.38 13.97
C ASP B 363 1.76 -35.26 13.03
N THR B 364 0.57 -35.63 13.49
CA THR B 364 -0.31 -36.51 12.75
C THR B 364 -0.78 -35.97 11.39
N HIS B 365 -0.61 -34.67 11.17
CA HIS B 365 -1.04 -34.06 9.91
C HIS B 365 0.11 -33.84 8.94
N GLY B 366 1.34 -34.11 9.37
CA GLY B 366 2.48 -33.90 8.50
C GLY B 366 2.71 -32.44 8.22
N TRP B 367 2.52 -31.60 9.23
CA TRP B 367 2.69 -30.16 9.07
C TRP B 367 4.15 -29.70 9.09
N MET B 368 4.99 -30.41 9.84
CA MET B 368 6.40 -30.05 9.96
C MET B 368 7.22 -30.55 8.77
N ALA B 369 7.98 -29.65 8.16
CA ALA B 369 8.80 -30.00 7.00
C ALA B 369 10.27 -29.76 7.30
N ARG B 370 11.11 -30.70 6.88
CA ARG B 370 12.56 -30.58 7.11
C ARG B 370 13.21 -29.61 6.12
N LEU B 371 14.09 -28.75 6.62
CA LEU B 371 14.82 -27.81 5.77
C LEU B 371 16.31 -28.15 5.76
N ASN B 372 16.79 -28.74 6.86
CA ASN B 372 18.20 -29.12 7.07
C ASN B 372 19.30 -28.37 6.36
S SO4 C . -4.86 16.39 -9.21
O1 SO4 C . -4.44 16.94 -7.90
O2 SO4 C . -5.15 17.61 -10.03
O3 SO4 C . -6.02 15.42 -8.93
O4 SO4 C . -3.61 15.86 -9.87
C1 GOL D . -6.83 3.98 -8.45
O1 GOL D . -7.60 4.12 -9.63
C2 GOL D . -6.80 5.34 -7.86
O2 GOL D . -8.10 5.97 -7.55
C3 GOL D . -5.99 5.09 -6.61
O3 GOL D . -6.85 5.53 -5.56
S SO4 E . -0.51 -16.44 10.03
O1 SO4 E . -1.65 -15.46 10.15
O2 SO4 E . -0.94 -17.62 10.90
O3 SO4 E . 0.78 -15.72 10.40
O4 SO4 E . -0.64 -17.00 8.59
C1 GOL F . -3.35 -5.21 8.28
O1 GOL F . -4.31 -5.59 7.32
C2 GOL F . -4.17 -5.01 9.51
O2 GOL F . -4.91 -6.18 9.97
C3 GOL F . -3.12 -4.64 10.52
O3 GOL F . -3.92 -4.16 11.61
#